data_6R5D
#
_entry.id   6R5D
#
_cell.length_a   110.520
_cell.length_b   117.290
_cell.length_c   151.720
_cell.angle_alpha   90.000
_cell.angle_beta   90.000
_cell.angle_gamma   90.000
#
_symmetry.space_group_name_H-M   'C 2 2 21'
#
loop_
_entity.id
_entity.type
_entity.pdbx_description
1 polymer 'DNA primase small subunit'
2 non-polymer 'ZINC ION'
3 non-polymer 'MANGANESE (II) ION'
4 non-polymer "2'-DEOXYADENOSINE 5'-TRIPHOSPHATE"
5 non-polymer 1,2-ETHANEDIOL
6 water water
#
_entity_poly.entity_id   1
_entity_poly.type   'polypeptide(L)'
_entity_poly.pdbx_seq_one_letter_code
;GTSMETFDPTELPELLKLYYRRLFPYSQYYRWLNYGGVIKNYFQHREFSFTLKDDIYIRYQSFNNQSDLEKEMQKMNPYK
IDIGAVYSHRPNQHNTVKLGAFQAQEKELVFDIDMTDYDDVRRCCSSADICPKCWTLMTMAIRIIDRALKEDFGFKHRLW
VYSGRRGVHCWVCDESVRKLSSAVRSGIVEYLSLVKGGQDVKKKVHLSEKIHPFIRKSINIIKKYFEEYALVNQDILENK
ESWDKILALVPETIHDELQQSFQKSHNSLQRWEHLKKVASRYQNNIKNDKYGPWLEWEIMLQYCFPRLDINVSKGINHLL
KSPFSVHPKTGRISVPIDLQKVDQFDPFTVPTISFICRELDAISTNEEEKEENEAESDVKHRTRDYKKTSLAPYVKVFEH
FLENLDKSRK
;
_entity_poly.pdbx_strand_id   A,E
#
loop_
_chem_comp.id
_chem_comp.type
_chem_comp.name
_chem_comp.formula
DTP non-polymer '2'-DEOXYADENOSINE 5'-TRIPHOSPHATE' 'C10 H16 N5 O12 P3'
EDO non-polymer 1,2-ETHANEDIOL 'C2 H6 O2'
MN non-polymer 'MANGANESE (II) ION' 'Mn 2'
ZN non-polymer 'ZINC ION' 'Zn 2'
#
# COMPACT_ATOMS: atom_id res chain seq x y z
N ASP A 8 6.05 11.88 6.92
CA ASP A 8 6.39 12.85 7.96
C ASP A 8 6.83 12.15 9.24
N PRO A 9 8.14 12.22 9.57
CA PRO A 9 8.63 11.48 10.72
C PRO A 9 8.45 12.21 12.06
N THR A 10 7.49 13.13 12.12
CA THR A 10 7.15 13.78 13.37
C THR A 10 6.05 13.05 14.13
N GLU A 11 5.30 12.19 13.44
CA GLU A 11 4.33 11.33 14.09
C GLU A 11 4.96 10.07 14.64
N LEU A 12 6.16 9.73 14.20
CA LEU A 12 6.80 8.50 14.63
C LEU A 12 7.08 8.42 16.13
N PRO A 13 7.53 9.49 16.79
CA PRO A 13 7.88 9.35 18.22
C PRO A 13 6.73 8.85 19.07
N GLU A 14 5.51 9.35 18.85
CA GLU A 14 4.36 8.89 19.63
C GLU A 14 4.07 7.43 19.35
N LEU A 15 4.18 7.01 18.09
CA LEU A 15 3.92 5.62 17.73
C LEU A 15 5.03 4.70 18.21
N LEU A 16 6.27 5.18 18.16
CA LEU A 16 7.39 4.35 18.60
C LEU A 16 7.31 4.07 20.10
N LYS A 17 6.87 5.05 20.89
CA LYS A 17 6.78 4.83 22.33
C LYS A 17 5.79 3.72 22.66
N LEU A 18 4.63 3.70 22.00
CA LEU A 18 3.68 2.62 22.21
C LEU A 18 4.25 1.29 21.74
N TYR A 19 4.89 1.29 20.56
CA TYR A 19 5.44 0.07 20.00
C TYR A 19 6.46 -0.56 20.95
N TYR A 20 7.40 0.22 21.47
CA TYR A 20 8.42 -0.32 22.35
C TYR A 20 7.89 -0.62 23.74
N ARG A 21 6.72 -0.11 24.10
CA ARG A 21 6.15 -0.40 25.41
C ARG A 21 5.26 -1.64 25.40
N ARG A 22 4.52 -1.87 24.31
CA ARG A 22 3.50 -2.92 24.31
C ARG A 22 3.60 -3.93 23.18
N LEU A 23 4.39 -3.69 22.14
CA LEU A 23 4.34 -4.54 20.95
C LEU A 23 5.67 -5.19 20.56
N PHE A 24 6.80 -4.55 20.82
CA PHE A 24 8.08 -5.15 20.41
C PHE A 24 8.28 -6.47 21.14
N PRO A 25 8.66 -7.57 20.42
CA PRO A 25 8.73 -8.91 21.06
C PRO A 25 10.03 -9.15 21.83
N TYR A 26 10.11 -8.53 23.00
CA TYR A 26 11.36 -8.50 23.76
C TYR A 26 11.84 -9.89 24.15
N SER A 27 10.92 -10.75 24.62
N SER A 27 10.92 -10.75 24.62
CA SER A 27 11.34 -12.05 25.12
CA SER A 27 11.34 -12.05 25.12
C SER A 27 11.84 -12.95 23.99
C SER A 27 11.82 -12.96 23.99
N GLN A 28 11.17 -12.91 22.83
CA GLN A 28 11.66 -13.66 21.68
C GLN A 28 12.97 -13.07 21.18
N TYR A 29 13.07 -11.74 21.15
CA TYR A 29 14.29 -11.07 20.72
C TYR A 29 15.48 -11.47 21.58
N TYR A 30 15.29 -11.54 22.90
CA TYR A 30 16.38 -11.91 23.78
C TYR A 30 16.71 -13.39 23.68
N ARG A 31 15.69 -14.24 23.56
CA ARG A 31 15.93 -15.64 23.27
C ARG A 31 16.84 -15.80 22.06
N TRP A 32 16.64 -14.97 21.05
CA TRP A 32 17.48 -15.03 19.86
C TRP A 32 18.92 -14.72 20.22
N LEU A 33 19.19 -13.49 20.62
CA LEU A 33 20.57 -13.00 20.68
C LEU A 33 21.32 -13.46 21.93
N ASN A 34 20.64 -14.07 22.90
CA ASN A 34 21.31 -14.72 24.02
C ASN A 34 21.80 -16.12 23.66
N TYR A 35 21.35 -16.66 22.53
CA TYR A 35 21.74 -17.99 22.03
C TYR A 35 21.86 -19.01 23.17
N GLY A 36 20.74 -19.20 23.87
CA GLY A 36 20.64 -20.20 24.91
C GLY A 36 21.40 -19.90 26.18
N GLY A 37 22.17 -18.81 26.23
CA GLY A 37 22.93 -18.49 27.41
C GLY A 37 24.12 -19.38 27.66
N VAL A 38 24.53 -20.17 26.66
CA VAL A 38 25.58 -21.15 26.86
C VAL A 38 26.95 -20.48 26.98
N ILE A 39 27.22 -19.49 26.11
CA ILE A 39 28.51 -18.81 26.11
C ILE A 39 28.43 -17.60 27.03
N LYS A 40 29.44 -17.44 27.88
CA LYS A 40 29.49 -16.34 28.83
C LYS A 40 29.60 -15.00 28.10
N ASN A 41 28.79 -14.04 28.51
CA ASN A 41 28.85 -12.66 28.03
C ASN A 41 28.46 -12.51 26.55
N TYR A 42 27.79 -13.51 25.97
CA TYR A 42 27.51 -13.44 24.54
C TYR A 42 26.56 -12.30 24.21
N PHE A 43 25.49 -12.14 25.01
CA PHE A 43 24.57 -11.04 24.81
C PHE A 43 25.15 -9.72 25.31
N GLN A 44 25.86 -9.77 26.45
CA GLN A 44 26.43 -8.56 27.04
C GLN A 44 27.49 -7.94 26.15
N HIS A 45 28.12 -8.72 25.27
CA HIS A 45 29.17 -8.22 24.41
C HIS A 45 28.67 -7.86 23.01
N ARG A 46 27.35 -7.88 22.79
CA ARG A 46 26.78 -7.55 21.50
C ARG A 46 26.66 -6.04 21.33
N GLU A 47 27.13 -5.52 20.19
CA GLU A 47 26.89 -4.13 19.86
C GLU A 47 25.48 -3.95 19.32
N PHE A 48 24.78 -2.95 19.82
CA PHE A 48 23.61 -2.39 19.18
C PHE A 48 23.90 -0.94 18.79
N SER A 49 23.27 -0.47 17.72
CA SER A 49 23.42 0.92 17.28
C SER A 49 22.03 1.50 17.07
N PHE A 50 21.66 2.49 17.89
CA PHE A 50 20.38 3.15 17.79
C PHE A 50 20.47 4.36 16.87
N THR A 51 19.46 4.54 16.03
CA THR A 51 19.25 5.80 15.33
C THR A 51 18.13 6.56 16.03
N LEU A 52 18.38 7.81 16.35
CA LEU A 52 17.42 8.67 17.01
C LEU A 52 16.79 9.60 15.97
N LYS A 53 16.24 10.72 16.41
CA LYS A 53 15.72 11.70 15.47
C LYS A 53 16.86 12.33 14.69
N ASP A 54 16.53 12.85 13.50
CA ASP A 54 17.45 13.69 12.73
C ASP A 54 18.69 12.93 12.28
N ASP A 55 18.54 11.64 11.97
CA ASP A 55 19.63 10.79 11.48
C ASP A 55 20.81 10.73 12.44
N ILE A 56 20.59 11.03 13.72
CA ILE A 56 21.63 10.91 14.74
C ILE A 56 21.66 9.46 15.23
N TYR A 57 22.86 8.89 15.35
CA TYR A 57 22.97 7.51 15.81
C TYR A 57 24.14 7.35 16.76
N ILE A 58 24.11 6.26 17.52
CA ILE A 58 25.09 5.97 18.56
C ILE A 58 25.64 4.58 18.31
N ARG A 59 26.97 4.47 18.29
CA ARG A 59 27.65 3.19 18.16
C ARG A 59 27.94 2.58 19.54
N TYR A 60 28.08 1.25 19.56
CA TYR A 60 28.68 0.56 20.70
C TYR A 60 27.81 0.63 21.95
N GLN A 61 26.50 0.56 21.78
CA GLN A 61 25.61 0.33 22.90
C GLN A 61 25.55 -1.16 23.19
N SER A 62 25.41 -1.49 24.47
CA SER A 62 25.30 -2.89 24.90
C SER A 62 24.57 -2.92 26.22
N PHE A 63 24.00 -4.07 26.53
CA PHE A 63 23.09 -4.20 27.67
C PHE A 63 23.38 -5.47 28.44
N ASN A 64 23.01 -5.45 29.73
CA ASN A 64 23.33 -6.53 30.65
C ASN A 64 22.38 -7.72 30.51
N ASN A 65 21.14 -7.47 30.13
CA ASN A 65 20.11 -8.49 30.13
C ASN A 65 18.89 -7.92 29.43
N GLN A 66 17.78 -8.69 29.45
CA GLN A 66 16.59 -8.27 28.72
C GLN A 66 15.96 -7.03 29.34
N SER A 67 15.86 -6.98 30.67
CA SER A 67 15.27 -5.83 31.32
C SER A 67 16.03 -4.55 30.99
N ASP A 68 17.37 -4.65 30.92
CA ASP A 68 18.19 -3.49 30.61
C ASP A 68 17.95 -3.02 29.17
N LEU A 69 17.79 -3.96 28.24
CA LEU A 69 17.48 -3.59 26.86
C LEU A 69 16.12 -2.91 26.77
N GLU A 70 15.09 -3.51 27.38
CA GLU A 70 13.76 -2.91 27.36
C GLU A 70 13.79 -1.48 27.85
N LYS A 71 14.44 -1.25 28.99
CA LYS A 71 14.42 0.07 29.62
C LYS A 71 15.12 1.10 28.75
N GLU A 72 16.20 0.71 28.07
CA GLU A 72 16.93 1.67 27.25
C GLU A 72 16.18 1.95 25.95
N MET A 73 15.58 0.94 25.34
CA MET A 73 14.78 1.15 24.14
C MET A 73 13.56 2.02 24.45
N GLN A 74 12.92 1.78 25.59
CA GLN A 74 11.78 2.59 26.00
C GLN A 74 12.19 3.98 26.47
N LYS A 75 13.45 4.16 26.86
CA LYS A 75 13.93 5.50 27.22
C LYS A 75 14.26 6.32 25.97
N MET A 76 14.96 5.71 25.01
CA MET A 76 15.42 6.43 23.83
C MET A 76 14.47 6.36 22.65
N ASN A 77 13.56 5.36 22.63
CA ASN A 77 12.62 5.13 21.55
C ASN A 77 13.28 5.39 20.20
N PRO A 78 14.24 4.57 19.80
CA PRO A 78 15.00 4.83 18.57
C PRO A 78 14.14 4.69 17.32
N TYR A 79 14.47 5.51 16.32
CA TYR A 79 13.81 5.39 15.02
C TYR A 79 14.12 4.04 14.37
N LYS A 80 15.37 3.60 14.45
CA LYS A 80 15.71 2.25 14.02
C LYS A 80 16.81 1.67 14.91
N ILE A 81 16.97 0.36 14.81
CA ILE A 81 17.92 -0.39 15.62
C ILE A 81 18.73 -1.27 14.67
N ASP A 82 20.05 -1.19 14.79
CA ASP A 82 20.98 -2.04 14.04
C ASP A 82 21.69 -2.99 15.00
N ILE A 83 21.96 -4.20 14.52
CA ILE A 83 22.69 -5.21 15.28
C ILE A 83 24.09 -5.32 14.70
N GLY A 84 25.10 -5.32 15.56
CA GLY A 84 26.46 -5.53 15.13
C GLY A 84 27.05 -6.83 15.66
N ALA A 85 28.37 -6.87 15.82
CA ALA A 85 29.05 -8.10 16.18
C ALA A 85 29.08 -8.30 17.69
N VAL A 86 29.52 -9.49 18.09
CA VAL A 86 29.85 -9.78 19.49
C VAL A 86 31.34 -9.51 19.66
N TYR A 87 31.68 -8.67 20.64
CA TYR A 87 33.04 -8.17 20.79
C TYR A 87 33.76 -8.86 21.94
N SER A 88 35.06 -8.57 22.03
CA SER A 88 35.89 -9.16 23.07
C SER A 88 35.54 -8.60 24.45
N HIS A 89 35.03 -7.38 24.51
CA HIS A 89 34.61 -6.72 25.73
C HIS A 89 33.24 -6.10 25.50
N ARG A 90 32.65 -5.60 26.57
CA ARG A 90 31.38 -4.88 26.46
C ARG A 90 31.55 -3.69 25.52
N PRO A 91 30.76 -3.59 24.45
CA PRO A 91 30.87 -2.38 23.62
C PRO A 91 30.75 -1.07 24.39
N ASN A 92 29.85 -0.98 25.37
CA ASN A 92 29.70 0.30 26.07
C ASN A 92 30.84 0.57 27.06
N GLN A 93 31.85 -0.29 27.12
CA GLN A 93 33.06 -0.04 27.89
C GLN A 93 34.29 0.06 27.01
N HIS A 94 34.12 0.17 25.70
CA HIS A 94 35.23 0.01 24.77
C HIS A 94 36.29 1.09 24.92
N ASN A 95 35.96 2.23 25.50
CA ASN A 95 36.94 3.29 25.68
C ASN A 95 37.87 3.03 26.86
N THR A 96 37.49 2.14 27.77
CA THR A 96 38.36 1.75 28.88
C THR A 96 39.23 0.54 28.54
N VAL A 97 39.13 0.03 27.32
CA VAL A 97 39.91 -1.12 26.89
C VAL A 97 41.20 -0.62 26.26
N LYS A 98 42.32 -1.23 26.65
CA LYS A 98 43.60 -0.87 26.05
C LYS A 98 43.51 -0.95 24.53
N LEU A 99 44.15 0.00 23.86
CA LEU A 99 44.10 0.07 22.41
C LEU A 99 44.50 -1.25 21.78
N GLY A 100 43.77 -1.64 20.73
CA GLY A 100 44.05 -2.85 19.99
C GLY A 100 43.40 -4.10 20.54
N ALA A 101 42.91 -4.07 21.78
CA ALA A 101 42.31 -5.26 22.39
C ALA A 101 40.81 -5.38 22.12
N PHE A 102 40.14 -4.27 21.83
CA PHE A 102 38.70 -4.30 21.58
C PHE A 102 38.48 -4.79 20.15
N GLN A 103 37.93 -6.00 20.02
CA GLN A 103 37.88 -6.66 18.73
C GLN A 103 36.55 -7.38 18.53
N ALA A 104 36.00 -7.24 17.33
CA ALA A 104 34.87 -8.08 16.93
C ALA A 104 35.31 -9.52 16.84
N GLN A 105 34.52 -10.41 17.42
CA GLN A 105 34.89 -11.83 17.45
C GLN A 105 33.90 -12.73 16.73
N GLU A 106 32.60 -12.45 16.83
CA GLU A 106 31.61 -13.31 16.22
C GLU A 106 30.42 -12.46 15.75
N LYS A 107 29.78 -12.93 14.67
CA LYS A 107 28.55 -12.31 14.20
C LYS A 107 27.88 -13.23 13.20
N GLU A 108 26.55 -13.19 13.18
CA GLU A 108 25.80 -13.90 12.15
C GLU A 108 26.33 -13.54 10.78
N LEU A 109 26.28 -14.51 9.86
CA LEU A 109 26.50 -14.24 8.45
C LEU A 109 25.21 -13.67 7.88
N VAL A 110 25.29 -12.48 7.30
CA VAL A 110 24.09 -11.76 6.88
C VAL A 110 24.19 -11.44 5.39
N PHE A 111 23.01 -11.27 4.80
CA PHE A 111 22.86 -10.89 3.40
C PHE A 111 21.84 -9.77 3.33
N ASP A 112 22.08 -8.84 2.42
CA ASP A 112 21.19 -7.71 2.17
C ASP A 112 20.99 -7.61 0.66
N ILE A 113 19.73 -7.69 0.24
CA ILE A 113 19.37 -7.67 -1.18
C ILE A 113 18.46 -6.48 -1.42
N ASP A 114 18.84 -5.64 -2.38
CA ASP A 114 18.14 -4.39 -2.66
C ASP A 114 17.59 -4.42 -4.08
N MET A 115 16.26 -4.32 -4.19
CA MET A 115 15.62 -4.31 -5.50
C MET A 115 16.22 -3.25 -6.42
N THR A 116 16.71 -2.16 -5.84
CA THR A 116 17.28 -1.07 -6.62
C THR A 116 18.45 -1.55 -7.47
N ASP A 117 19.17 -2.57 -7.01
CA ASP A 117 20.28 -3.11 -7.78
C ASP A 117 19.83 -3.79 -9.06
N TYR A 118 18.53 -3.97 -9.27
CA TYR A 118 17.98 -4.61 -10.46
C TYR A 118 17.40 -3.62 -11.46
N ASP A 119 17.63 -2.31 -11.27
CA ASP A 119 16.91 -1.33 -12.08
C ASP A 119 17.16 -1.52 -13.57
N ASP A 120 18.33 -2.02 -13.96
CA ASP A 120 18.63 -2.23 -15.37
C ASP A 120 17.81 -3.35 -16.00
N VAL A 121 17.14 -4.18 -15.18
CA VAL A 121 16.39 -5.32 -15.71
C VAL A 121 14.95 -5.27 -15.18
N ARG A 122 14.58 -4.16 -14.53
CA ARG A 122 13.23 -3.88 -14.11
C ARG A 122 12.63 -2.82 -15.04
N ARG A 123 11.40 -3.06 -15.51
CA ARG A 123 10.68 -2.04 -16.29
C ARG A 123 9.61 -1.32 -15.49
N CYS A 124 9.08 -1.93 -14.44
CA CYS A 124 7.93 -1.37 -13.73
C CYS A 124 8.32 -0.28 -12.75
N CYS A 125 9.44 -0.46 -12.03
CA CYS A 125 9.82 0.42 -10.93
C CYS A 125 11.27 0.84 -11.06
N SER A 126 11.64 1.88 -10.30
CA SER A 126 13.01 2.33 -10.23
C SER A 126 13.29 2.86 -8.83
N SER A 127 14.58 2.96 -8.50
CA SER A 127 15.03 3.52 -7.22
C SER A 127 14.47 2.64 -6.11
N ALA A 128 13.87 3.20 -5.05
CA ALA A 128 13.41 2.42 -3.92
C ALA A 128 11.99 1.88 -4.09
N ASP A 129 11.35 2.14 -5.23
CA ASP A 129 10.00 1.63 -5.46
C ASP A 129 10.02 0.13 -5.69
N ILE A 130 8.94 -0.52 -5.27
CA ILE A 130 8.70 -1.94 -5.57
C ILE A 130 7.22 -2.11 -5.87
N CYS A 131 6.90 -3.19 -6.57
CA CYS A 131 5.51 -3.52 -6.87
C CYS A 131 5.41 -5.01 -7.06
N PRO A 132 4.19 -5.55 -7.13
CA PRO A 132 4.04 -7.01 -7.29
C PRO A 132 4.63 -7.54 -8.59
N LYS A 133 4.85 -6.70 -9.60
CA LYS A 133 5.38 -7.17 -10.87
C LYS A 133 6.89 -7.39 -10.83
N CYS A 134 7.59 -6.82 -9.86
CA CYS A 134 9.02 -7.05 -9.70
C CYS A 134 9.39 -7.72 -8.39
N TRP A 135 8.45 -7.88 -7.44
CA TRP A 135 8.79 -8.56 -6.19
C TRP A 135 9.22 -10.00 -6.42
N THR A 136 8.78 -10.62 -7.52
CA THR A 136 9.19 -11.98 -7.83
C THR A 136 10.71 -12.12 -7.92
N LEU A 137 11.43 -11.02 -8.14
CA LEU A 137 12.89 -11.08 -8.08
C LEU A 137 13.37 -11.50 -6.70
N MET A 138 12.72 -10.99 -5.66
CA MET A 138 13.07 -11.39 -4.30
C MET A 138 12.66 -12.83 -4.02
N THR A 139 11.50 -13.24 -4.51
CA THR A 139 11.09 -14.64 -4.37
C THR A 139 12.16 -15.57 -4.93
N MET A 140 12.67 -15.25 -6.13
CA MET A 140 13.71 -16.08 -6.74
C MET A 140 15.02 -15.95 -5.97
N ALA A 141 15.33 -14.76 -5.47
CA ALA A 141 16.57 -14.57 -4.71
C ALA A 141 16.55 -15.40 -3.43
N ILE A 142 15.43 -15.38 -2.71
CA ILE A 142 15.31 -16.17 -1.48
C ILE A 142 15.50 -17.64 -1.80
N ARG A 143 14.77 -18.16 -2.78
CA ARG A 143 14.84 -19.58 -3.10
C ARG A 143 16.25 -19.98 -3.54
N ILE A 144 16.89 -19.16 -4.37
CA ILE A 144 18.21 -19.50 -4.88
C ILE A 144 19.24 -19.48 -3.76
N ILE A 145 19.29 -18.39 -2.99
CA ILE A 145 20.29 -18.27 -1.94
C ILE A 145 20.02 -19.27 -0.83
N ASP A 146 18.76 -19.38 -0.39
CA ASP A 146 18.46 -20.27 0.73
C ASP A 146 18.78 -21.72 0.38
N ARG A 147 18.46 -22.14 -0.84
CA ARG A 147 18.82 -23.51 -1.25
C ARG A 147 20.32 -23.72 -1.11
N ALA A 148 21.12 -22.76 -1.55
CA ALA A 148 22.57 -22.92 -1.49
C ALA A 148 23.07 -22.93 -0.04
N LEU A 149 22.57 -22.01 0.79
CA LEU A 149 22.98 -21.99 2.18
C LEU A 149 22.61 -23.28 2.88
N LYS A 150 21.42 -23.81 2.59
CA LYS A 150 20.96 -25.04 3.25
C LYS A 150 21.66 -26.26 2.69
N GLU A 151 21.63 -26.45 1.36
CA GLU A 151 22.06 -27.70 0.77
C GLU A 151 23.56 -27.74 0.47
N ASP A 152 24.12 -26.64 -0.06
CA ASP A 152 25.53 -26.66 -0.44
C ASP A 152 26.43 -26.43 0.77
N PHE A 153 26.05 -25.52 1.68
CA PHE A 153 26.87 -25.19 2.83
C PHE A 153 26.40 -25.87 4.11
N GLY A 154 25.20 -26.44 4.13
CA GLY A 154 24.73 -27.13 5.31
C GLY A 154 24.39 -26.23 6.49
N PHE A 155 24.03 -24.97 6.22
CA PHE A 155 23.64 -24.06 7.28
C PHE A 155 22.18 -24.30 7.66
N LYS A 156 21.92 -24.49 8.96
CA LYS A 156 20.63 -24.96 9.43
C LYS A 156 19.70 -23.85 9.92
N HIS A 157 20.24 -22.72 10.35
CA HIS A 157 19.45 -21.71 11.06
C HIS A 157 19.49 -20.40 10.27
N ARG A 158 18.46 -20.16 9.48
CA ARG A 158 18.44 -19.10 8.48
C ARG A 158 17.16 -18.30 8.66
N LEU A 159 17.30 -17.01 8.98
CA LEU A 159 16.17 -16.13 9.23
C LEU A 159 16.09 -15.12 8.09
N TRP A 160 15.07 -15.24 7.26
CA TRP A 160 14.84 -14.28 6.19
C TRP A 160 13.86 -13.20 6.66
N VAL A 161 14.17 -11.95 6.31
CA VAL A 161 13.45 -10.79 6.85
C VAL A 161 13.17 -9.80 5.73
N TYR A 162 11.96 -9.24 5.72
CA TYR A 162 11.65 -8.13 4.84
C TYR A 162 12.28 -6.86 5.41
N SER A 163 13.09 -6.17 4.59
CA SER A 163 13.82 -5.03 5.11
C SER A 163 12.95 -3.80 5.35
N GLY A 164 11.70 -3.80 4.90
CA GLY A 164 10.77 -2.73 5.19
C GLY A 164 10.51 -1.76 4.05
N ARG A 165 11.30 -1.81 2.97
CA ARG A 165 11.09 -0.90 1.87
C ARG A 165 11.33 -1.55 0.50
N ARG A 166 12.51 -2.12 0.29
CA ARG A 166 12.91 -2.48 -1.07
C ARG A 166 13.66 -3.80 -1.18
N GLY A 167 13.52 -4.71 -0.21
CA GLY A 167 14.20 -5.99 -0.37
C GLY A 167 14.10 -6.86 0.87
N VAL A 168 15.10 -7.72 1.04
CA VAL A 168 15.08 -8.72 2.10
C VAL A 168 16.49 -8.87 2.69
N HIS A 169 16.52 -9.38 3.91
CA HIS A 169 17.74 -9.74 4.60
C HIS A 169 17.70 -11.23 4.90
N CYS A 170 18.88 -11.83 5.07
CA CYS A 170 18.98 -13.16 5.65
C CYS A 170 20.02 -13.13 6.75
N TRP A 171 19.68 -13.71 7.90
CA TRP A 171 20.60 -13.90 9.02
C TRP A 171 20.88 -15.40 9.15
N VAL A 172 22.14 -15.79 8.97
CA VAL A 172 22.56 -17.18 9.13
C VAL A 172 23.24 -17.31 10.50
N CYS A 173 22.68 -18.16 11.36
CA CYS A 173 22.94 -18.05 12.80
C CYS A 173 23.54 -19.31 13.41
N ASP A 174 23.99 -20.27 12.60
CA ASP A 174 24.60 -21.48 13.17
C ASP A 174 25.81 -21.11 14.02
N GLU A 175 26.09 -21.98 15.01
CA GLU A 175 27.18 -21.73 15.95
C GLU A 175 28.50 -21.49 15.22
N SER A 176 28.86 -22.37 14.29
CA SER A 176 30.13 -22.23 13.59
C SER A 176 30.08 -21.17 12.50
N VAL A 177 28.90 -20.84 11.99
CA VAL A 177 28.79 -19.72 11.05
C VAL A 177 29.16 -18.42 11.75
N ARG A 178 28.71 -18.25 13.00
CA ARG A 178 28.95 -17.00 13.71
C ARG A 178 30.43 -16.72 13.93
N LYS A 179 31.29 -17.74 13.89
CA LYS A 179 32.72 -17.56 14.08
C LYS A 179 33.49 -17.35 12.78
N LEU A 180 32.81 -17.32 11.63
CA LEU A 180 33.51 -17.26 10.36
C LEU A 180 34.28 -15.94 10.21
N SER A 181 35.48 -16.04 9.66
CA SER A 181 36.28 -14.86 9.38
C SER A 181 35.72 -14.09 8.19
N SER A 182 36.09 -12.80 8.12
CA SER A 182 35.69 -11.98 6.97
C SER A 182 36.16 -12.61 5.66
N ALA A 183 37.35 -13.20 5.65
CA ALA A 183 37.87 -13.79 4.42
C ALA A 183 37.03 -14.96 3.96
N VAL A 184 36.52 -15.77 4.90
CA VAL A 184 35.68 -16.90 4.54
C VAL A 184 34.30 -16.42 4.13
N ARG A 185 33.75 -15.42 4.84
CA ARG A 185 32.50 -14.81 4.43
C ARG A 185 32.59 -14.31 2.98
N SER A 186 33.68 -13.60 2.67
CA SER A 186 33.88 -13.12 1.30
C SER A 186 33.88 -14.29 0.31
N GLY A 187 34.50 -15.40 0.69
CA GLY A 187 34.50 -16.57 -0.19
C GLY A 187 33.10 -17.10 -0.44
N ILE A 188 32.25 -17.08 0.59
CA ILE A 188 30.88 -17.55 0.43
C ILE A 188 30.13 -16.64 -0.53
N VAL A 189 30.33 -15.32 -0.40
CA VAL A 189 29.70 -14.38 -1.33
C VAL A 189 30.10 -14.69 -2.76
N GLU A 190 31.41 -14.86 -3.01
CA GLU A 190 31.86 -15.14 -4.36
C GLU A 190 31.22 -16.41 -4.92
N TYR A 191 31.15 -17.46 -4.09
CA TYR A 191 30.49 -18.68 -4.52
C TYR A 191 29.06 -18.42 -4.98
N LEU A 192 28.37 -17.51 -4.30
CA LEU A 192 26.97 -17.24 -4.56
C LEU A 192 26.73 -16.22 -5.67
N SER A 193 27.77 -15.63 -6.23
CA SER A 193 27.66 -14.49 -7.13
C SER A 193 27.89 -14.89 -8.58
N LEU A 194 27.06 -14.34 -9.47
CA LEU A 194 27.20 -14.56 -10.90
C LEU A 194 27.06 -13.27 -11.70
N VAL A 195 26.28 -12.32 -11.20
CA VAL A 195 26.02 -11.08 -11.93
C VAL A 195 27.09 -10.07 -11.54
N LYS A 196 27.99 -9.75 -12.47
CA LYS A 196 29.12 -8.88 -12.19
C LYS A 196 29.17 -7.75 -13.21
N GLY A 197 29.49 -6.56 -12.74
CA GLY A 197 29.62 -5.40 -13.60
C GLY A 197 28.74 -4.24 -13.19
N GLY A 198 29.26 -3.02 -13.35
CA GLY A 198 28.50 -1.82 -13.08
C GLY A 198 27.70 -1.37 -14.27
N GLN A 199 27.43 -0.07 -14.31
CA GLN A 199 26.63 0.50 -15.40
C GLN A 199 27.40 0.57 -16.72
N ASP A 200 28.72 0.45 -16.68
CA ASP A 200 29.53 0.44 -17.89
C ASP A 200 29.71 -0.95 -18.47
N VAL A 201 29.08 -1.96 -17.89
CA VAL A 201 29.20 -3.35 -18.34
C VAL A 201 27.82 -3.78 -18.81
N LYS A 202 27.68 -4.05 -20.11
CA LYS A 202 26.39 -4.41 -20.68
C LYS A 202 26.04 -5.87 -20.37
N LYS A 203 26.98 -6.78 -20.62
CA LYS A 203 26.78 -8.20 -20.40
C LYS A 203 27.43 -8.57 -19.07
N LYS A 204 26.61 -8.98 -18.10
CA LYS A 204 27.05 -9.15 -16.71
C LYS A 204 27.22 -10.61 -16.30
N VAL A 205 26.92 -11.56 -17.18
CA VAL A 205 26.98 -12.98 -16.84
C VAL A 205 27.72 -13.71 -17.96
N HIS A 206 28.73 -14.48 -17.58
CA HIS A 206 29.50 -15.30 -18.52
C HIS A 206 29.68 -16.68 -17.88
N LEU A 207 29.15 -17.71 -18.55
CA LEU A 207 29.19 -19.07 -18.04
C LEU A 207 30.29 -19.87 -18.74
N SER A 208 30.82 -20.86 -18.03
CA SER A 208 31.79 -21.78 -18.59
C SER A 208 31.07 -22.90 -19.34
N GLU A 209 31.85 -23.70 -20.07
CA GLU A 209 31.28 -24.79 -20.84
C GLU A 209 30.59 -25.81 -19.94
N LYS A 210 31.25 -26.20 -18.84
CA LYS A 210 30.67 -27.10 -17.85
C LYS A 210 30.11 -26.27 -16.70
N ILE A 211 28.82 -26.42 -16.47
N ILE A 211 28.80 -26.34 -16.48
CA ILE A 211 28.09 -25.64 -15.47
CA ILE A 211 28.18 -25.50 -15.46
C ILE A 211 28.25 -26.31 -14.11
C ILE A 211 28.18 -26.23 -14.13
N HIS A 212 28.58 -25.52 -13.08
CA HIS A 212 28.62 -26.04 -11.73
C HIS A 212 27.19 -26.32 -11.24
N PRO A 213 26.98 -27.35 -10.40
CA PRO A 213 25.62 -27.67 -9.97
C PRO A 213 24.89 -26.52 -9.28
N PHE A 214 25.62 -25.63 -8.60
CA PHE A 214 24.98 -24.44 -8.04
C PHE A 214 24.33 -23.61 -9.13
N ILE A 215 25.00 -23.49 -10.27
CA ILE A 215 24.47 -22.72 -11.40
C ILE A 215 23.30 -23.45 -12.04
N ARG A 216 23.43 -24.77 -12.24
CA ARG A 216 22.33 -25.53 -12.81
C ARG A 216 21.09 -25.45 -11.91
N LYS A 217 21.27 -25.66 -10.61
CA LYS A 217 20.12 -25.63 -9.70
C LYS A 217 19.49 -24.24 -9.63
N SER A 218 20.31 -23.19 -9.73
CA SER A 218 19.76 -21.83 -9.71
C SER A 218 18.98 -21.55 -10.99
N ILE A 219 19.49 -22.02 -12.13
CA ILE A 219 18.79 -21.86 -13.40
C ILE A 219 17.44 -22.58 -13.35
N ASN A 220 17.41 -23.78 -12.75
CA ASN A 220 16.16 -24.53 -12.71
C ASN A 220 15.13 -23.84 -11.82
N ILE A 221 15.56 -23.08 -10.82
CA ILE A 221 14.62 -22.30 -10.02
C ILE A 221 14.04 -21.16 -10.86
N ILE A 222 14.90 -20.42 -11.55
CA ILE A 222 14.45 -19.32 -12.39
C ILE A 222 13.48 -19.82 -13.45
N LYS A 223 13.78 -20.99 -14.04
CA LYS A 223 12.91 -21.51 -15.09
C LYS A 223 11.48 -21.68 -14.61
N LYS A 224 11.28 -21.93 -13.31
CA LYS A 224 9.93 -22.08 -12.79
C LYS A 224 9.16 -20.76 -12.84
N TYR A 225 9.86 -19.63 -12.77
CA TYR A 225 9.23 -18.32 -12.66
C TYR A 225 9.36 -17.47 -13.92
N PHE A 226 10.19 -17.88 -14.88
CA PHE A 226 10.64 -16.94 -15.90
C PHE A 226 9.50 -16.51 -16.83
N GLU A 227 8.62 -17.45 -17.20
CA GLU A 227 7.54 -17.10 -18.13
C GLU A 227 6.63 -16.03 -17.53
N GLU A 228 6.07 -16.30 -16.35
CA GLU A 228 5.17 -15.34 -15.72
C GLU A 228 5.90 -14.05 -15.34
N TYR A 229 7.12 -14.15 -14.83
CA TYR A 229 7.82 -12.94 -14.40
C TYR A 229 8.32 -12.13 -15.58
N ALA A 230 9.18 -12.75 -16.41
CA ALA A 230 9.91 -11.98 -17.42
C ALA A 230 9.10 -11.77 -18.69
N LEU A 231 8.34 -12.76 -19.12
CA LEU A 231 7.69 -12.70 -20.42
C LEU A 231 6.29 -12.10 -20.38
N VAL A 232 5.61 -12.18 -19.23
CA VAL A 232 4.28 -11.60 -19.08
C VAL A 232 4.37 -10.31 -18.28
N ASN A 233 4.80 -10.40 -17.02
CA ASN A 233 4.79 -9.24 -16.14
C ASN A 233 5.75 -8.16 -16.65
N GLN A 234 7.01 -8.52 -16.89
CA GLN A 234 7.97 -7.54 -17.39
C GLN A 234 7.90 -7.38 -18.90
N ASP A 235 7.41 -8.37 -19.62
CA ASP A 235 7.25 -8.28 -21.07
C ASP A 235 8.56 -7.83 -21.72
N ILE A 236 9.65 -8.51 -21.35
CA ILE A 236 10.99 -8.05 -21.68
C ILE A 236 11.24 -8.00 -23.18
N LEU A 237 10.41 -8.67 -23.99
CA LEU A 237 10.50 -8.62 -25.44
C LEU A 237 9.25 -8.00 -26.06
N GLU A 238 8.63 -7.06 -25.34
CA GLU A 238 7.38 -6.45 -25.81
C GLU A 238 7.56 -5.80 -27.18
N ASN A 239 8.62 -5.01 -27.33
CA ASN A 239 8.85 -4.22 -28.53
C ASN A 239 10.35 -4.05 -28.71
N LYS A 240 10.74 -3.28 -29.73
CA LYS A 240 12.15 -3.14 -30.06
C LYS A 240 12.90 -2.35 -28.99
N GLU A 241 12.23 -1.44 -28.29
CA GLU A 241 12.89 -0.73 -27.20
C GLU A 241 13.33 -1.70 -26.12
N SER A 242 12.53 -2.74 -25.86
CA SER A 242 12.84 -3.70 -24.81
CA SER A 242 12.83 -3.71 -24.82
C SER A 242 13.74 -4.82 -25.33
N TRP A 243 13.43 -5.40 -26.49
CA TRP A 243 14.20 -6.57 -26.93
C TRP A 243 15.60 -6.19 -27.42
N ASP A 244 15.85 -4.91 -27.73
CA ASP A 244 17.21 -4.50 -28.05
C ASP A 244 18.14 -4.66 -26.85
N LYS A 245 17.63 -4.42 -25.64
CA LYS A 245 18.43 -4.61 -24.44
C LYS A 245 18.89 -6.07 -24.32
N ILE A 246 18.05 -7.01 -24.77
CA ILE A 246 18.42 -8.42 -24.72
C ILE A 246 19.39 -8.76 -25.84
N LEU A 247 19.18 -8.19 -27.03
CA LEU A 247 20.12 -8.43 -28.13
C LEU A 247 21.52 -7.94 -27.78
N ALA A 248 21.63 -6.93 -26.91
CA ALA A 248 22.94 -6.49 -26.44
C ALA A 248 23.68 -7.57 -25.68
N LEU A 249 23.02 -8.67 -25.32
CA LEU A 249 23.63 -9.73 -24.53
C LEU A 249 23.98 -10.96 -25.34
N VAL A 250 23.88 -10.89 -26.67
CA VAL A 250 24.21 -12.02 -27.53
C VAL A 250 25.12 -11.54 -28.65
N PRO A 251 25.76 -12.45 -29.39
CA PRO A 251 26.66 -12.02 -30.47
C PRO A 251 25.92 -11.30 -31.59
N GLU A 252 26.59 -10.28 -32.14
CA GLU A 252 26.02 -9.50 -33.24
C GLU A 252 25.56 -10.39 -34.38
N THR A 253 26.33 -11.44 -34.68
CA THR A 253 26.12 -12.23 -35.89
C THR A 253 24.74 -12.90 -35.95
N ILE A 254 23.93 -12.75 -34.92
CA ILE A 254 22.57 -13.30 -34.91
C ILE A 254 21.51 -12.25 -34.64
N HIS A 255 21.90 -10.98 -34.51
CA HIS A 255 20.90 -9.93 -34.27
C HIS A 255 19.88 -9.87 -35.40
N ASP A 256 20.35 -9.79 -36.64
CA ASP A 256 19.43 -9.64 -37.77
C ASP A 256 18.44 -10.80 -37.82
N GLU A 257 18.93 -12.03 -37.68
CA GLU A 257 18.04 -13.19 -37.68
C GLU A 257 17.00 -13.08 -36.57
N LEU A 258 17.40 -12.58 -35.40
CA LEU A 258 16.47 -12.47 -34.29
C LEU A 258 15.53 -11.29 -34.46
N GLN A 259 16.03 -10.16 -34.97
CA GLN A 259 15.17 -9.04 -35.31
C GLN A 259 14.02 -9.51 -36.20
N GLN A 260 14.34 -10.23 -37.28
CA GLN A 260 13.31 -10.67 -38.21
C GLN A 260 12.29 -11.57 -37.53
N SER A 261 12.75 -12.45 -36.64
CA SER A 261 11.82 -13.32 -35.93
C SER A 261 10.96 -12.53 -34.95
N PHE A 262 11.56 -11.58 -34.24
CA PHE A 262 10.79 -10.77 -33.30
C PHE A 262 9.69 -9.98 -33.99
N GLN A 263 10.01 -9.39 -35.15
CA GLN A 263 9.03 -8.59 -35.87
C GLN A 263 7.91 -9.45 -36.44
N LYS A 264 8.19 -10.72 -36.73
CA LYS A 264 7.19 -11.63 -37.25
C LYS A 264 6.45 -12.41 -36.16
N SER A 265 6.81 -12.22 -34.90
CA SER A 265 6.12 -12.82 -33.77
C SER A 265 5.19 -11.81 -33.11
N HIS A 266 4.25 -12.32 -32.32
CA HIS A 266 3.17 -11.52 -31.77
C HIS A 266 3.42 -11.04 -30.34
N ASN A 267 4.24 -11.74 -29.56
CA ASN A 267 4.35 -11.44 -28.13
C ASN A 267 5.66 -12.00 -27.60
N SER A 268 5.98 -11.60 -26.37
CA SER A 268 7.25 -11.99 -25.75
C SER A 268 7.40 -13.50 -25.66
N LEU A 269 6.31 -14.22 -25.35
CA LEU A 269 6.40 -15.67 -25.23
C LEU A 269 6.94 -16.30 -26.50
N GLN A 270 6.39 -15.90 -27.66
CA GLN A 270 6.85 -16.45 -28.92
C GLN A 270 8.28 -16.01 -29.24
N ARG A 271 8.61 -14.77 -28.89
CA ARG A 271 9.94 -14.26 -29.22
C ARG A 271 11.02 -14.88 -28.36
N TRP A 272 10.70 -15.22 -27.12
CA TRP A 272 11.65 -15.97 -26.29
C TRP A 272 11.95 -17.33 -26.91
N GLU A 273 10.91 -18.03 -27.37
CA GLU A 273 11.09 -19.35 -27.96
C GLU A 273 12.01 -19.28 -29.16
N HIS A 274 11.94 -18.19 -29.94
CA HIS A 274 12.81 -18.05 -31.10
C HIS A 274 14.25 -17.75 -30.67
N LEU A 275 14.43 -16.93 -29.64
CA LEU A 275 15.78 -16.66 -29.16
C LEU A 275 16.47 -17.95 -28.71
N LYS A 276 15.75 -18.79 -27.95
CA LYS A 276 16.33 -20.04 -27.48
C LYS A 276 16.75 -20.93 -28.65
N LYS A 277 15.89 -21.04 -29.67
CA LYS A 277 16.21 -21.87 -30.83
C LYS A 277 17.47 -21.37 -31.53
N VAL A 278 17.53 -20.06 -31.79
CA VAL A 278 18.70 -19.48 -32.45
C VAL A 278 19.94 -19.62 -31.58
N ALA A 279 19.81 -19.28 -30.29
CA ALA A 279 20.98 -19.25 -29.42
C ALA A 279 21.62 -20.64 -29.32
N SER A 280 20.80 -21.69 -29.28
CA SER A 280 21.34 -23.05 -29.21
C SER A 280 21.94 -23.52 -30.52
N ARG A 281 21.87 -22.70 -31.58
N ARG A 281 21.90 -22.70 -31.58
CA ARG A 281 22.52 -22.98 -32.85
CA ARG A 281 22.55 -23.01 -32.83
C ARG A 281 23.77 -22.14 -33.07
C ARG A 281 23.74 -22.11 -33.11
N TYR A 282 24.05 -21.18 -32.20
CA TYR A 282 25.24 -20.35 -32.35
C TYR A 282 26.50 -21.17 -32.09
N GLN A 283 27.50 -20.99 -32.93
CA GLN A 283 28.78 -21.67 -32.77
C GLN A 283 29.73 -20.74 -32.00
N ASN A 284 30.00 -21.09 -30.75
CA ASN A 284 30.91 -20.29 -29.94
C ASN A 284 32.36 -20.53 -30.35
N ASN A 285 32.75 -21.79 -30.50
CA ASN A 285 34.08 -22.17 -30.93
C ASN A 285 33.97 -22.84 -32.30
N ILE A 286 34.41 -22.13 -33.34
CA ILE A 286 34.51 -22.75 -34.66
C ILE A 286 35.52 -23.89 -34.67
N LYS A 287 36.33 -24.00 -33.62
CA LYS A 287 37.24 -25.15 -33.48
C LYS A 287 36.45 -26.45 -33.39
N ASN A 288 35.44 -26.48 -32.53
CA ASN A 288 34.65 -27.68 -32.27
C ASN A 288 33.23 -27.52 -32.80
N ASP A 289 32.47 -28.60 -32.70
CA ASP A 289 31.08 -28.66 -33.14
C ASP A 289 30.14 -28.81 -31.95
N LYS A 290 30.41 -28.06 -30.88
CA LYS A 290 29.66 -28.17 -29.64
C LYS A 290 28.70 -26.99 -29.52
N TYR A 291 27.43 -27.28 -29.22
CA TYR A 291 26.39 -26.29 -29.11
C TYR A 291 25.64 -26.48 -27.80
N GLY A 292 25.03 -25.41 -27.32
CA GLY A 292 24.31 -25.47 -26.07
C GLY A 292 23.57 -24.20 -25.70
N PRO A 293 22.91 -24.21 -24.54
CA PRO A 293 22.05 -23.07 -24.16
C PRO A 293 22.74 -22.01 -23.32
N TRP A 294 24.05 -21.88 -23.43
CA TRP A 294 24.78 -20.95 -22.57
C TRP A 294 24.21 -19.53 -22.67
N LEU A 295 23.93 -19.06 -23.89
CA LEU A 295 23.41 -17.71 -24.05
C LEU A 295 22.06 -17.56 -23.37
N GLU A 296 21.15 -18.48 -23.63
CA GLU A 296 19.84 -18.48 -22.98
C GLU A 296 19.97 -18.39 -21.47
N TRP A 297 20.88 -19.19 -20.90
CA TRP A 297 21.07 -19.16 -19.45
C TRP A 297 21.63 -17.82 -18.99
N GLU A 298 22.59 -17.27 -19.73
CA GLU A 298 23.20 -16.01 -19.32
C GLU A 298 22.19 -14.87 -19.30
N ILE A 299 21.21 -14.91 -20.21
CA ILE A 299 20.16 -13.89 -20.21
C ILE A 299 19.27 -14.06 -19.00
N MET A 300 18.78 -15.29 -18.76
N MET A 300 18.78 -15.29 -18.77
CA MET A 300 17.89 -15.52 -17.63
CA MET A 300 17.89 -15.52 -17.63
C MET A 300 18.56 -15.17 -16.31
C MET A 300 18.57 -15.14 -16.32
N LEU A 301 19.85 -15.46 -16.18
CA LEU A 301 20.57 -15.13 -14.96
C LEU A 301 20.73 -13.62 -14.81
N GLN A 302 21.06 -12.92 -15.90
CA GLN A 302 21.23 -11.48 -15.80
C GLN A 302 19.93 -10.80 -15.38
N TYR A 303 18.79 -11.36 -15.78
CA TYR A 303 17.50 -10.73 -15.49
C TYR A 303 16.89 -11.18 -14.17
N CYS A 304 17.29 -12.33 -13.61
CA CYS A 304 16.59 -12.90 -12.46
C CYS A 304 17.47 -13.35 -11.31
N PHE A 305 18.78 -13.57 -11.50
CA PHE A 305 19.62 -14.18 -10.45
C PHE A 305 19.90 -13.17 -9.33
N PRO A 306 19.98 -13.61 -8.08
CA PRO A 306 20.18 -12.67 -6.97
C PRO A 306 21.39 -11.77 -7.13
N ARG A 307 21.18 -10.49 -6.82
CA ARG A 307 22.24 -9.49 -6.76
C ARG A 307 22.35 -9.04 -5.30
N LEU A 308 23.46 -9.37 -4.66
CA LEU A 308 23.65 -9.09 -3.26
C LEU A 308 24.33 -7.74 -3.06
N ASP A 309 24.00 -7.08 -1.94
CA ASP A 309 24.76 -5.93 -1.46
C ASP A 309 25.98 -6.50 -0.75
N ILE A 310 27.04 -6.77 -1.52
CA ILE A 310 28.08 -7.71 -1.08
C ILE A 310 28.78 -7.21 0.17
N ASN A 311 29.02 -5.89 0.28
CA ASN A 311 29.79 -5.37 1.40
C ASN A 311 29.12 -5.69 2.73
N VAL A 312 27.80 -5.87 2.74
CA VAL A 312 27.10 -6.19 3.97
C VAL A 312 27.58 -7.54 4.52
N SER A 313 27.93 -8.47 3.64
CA SER A 313 28.23 -9.85 4.03
C SER A 313 29.68 -10.09 4.40
N LYS A 314 30.60 -9.27 3.90
CA LYS A 314 32.02 -9.57 4.04
C LYS A 314 32.58 -9.17 5.40
N GLY A 315 32.05 -8.12 6.02
CA GLY A 315 32.64 -7.55 7.21
C GLY A 315 32.03 -8.09 8.49
N ILE A 316 32.91 -8.56 9.39
CA ILE A 316 32.47 -9.11 10.67
C ILE A 316 31.83 -8.02 11.54
N ASN A 317 32.29 -6.77 11.44
CA ASN A 317 31.78 -5.72 12.31
CA ASN A 317 31.83 -5.66 12.26
C ASN A 317 30.56 -5.00 11.71
N HIS A 318 30.10 -5.41 10.54
CA HIS A 318 29.09 -4.64 9.82
C HIS A 318 27.76 -4.64 10.55
N LEU A 319 27.21 -3.44 10.75
CA LEU A 319 25.87 -3.30 11.29
C LEU A 319 24.82 -3.69 10.24
N LEU A 320 23.67 -4.18 10.71
CA LEU A 320 22.54 -4.42 9.84
C LEU A 320 21.26 -4.17 10.61
N LYS A 321 20.26 -3.60 9.92
CA LYS A 321 19.02 -3.26 10.60
C LYS A 321 18.35 -4.52 11.15
N SER A 322 17.88 -4.40 12.39
CA SER A 322 17.37 -5.52 13.16
C SER A 322 16.00 -5.97 12.66
N PRO A 323 15.72 -7.28 12.73
CA PRO A 323 14.34 -7.74 12.65
C PRO A 323 13.49 -6.97 13.65
N PHE A 324 12.25 -6.65 13.25
CA PHE A 324 11.27 -5.94 14.07
C PHE A 324 11.66 -4.50 14.33
N SER A 325 12.73 -4.02 13.69
CA SER A 325 12.96 -2.58 13.61
C SER A 325 11.96 -1.97 12.65
N VAL A 326 11.60 -0.73 12.91
CA VAL A 326 10.83 0.05 11.95
C VAL A 326 11.76 0.51 10.85
N HIS A 327 11.25 0.57 9.63
CA HIS A 327 11.93 1.27 8.55
C HIS A 327 11.39 2.70 8.53
N PRO A 328 12.18 3.70 8.94
CA PRO A 328 11.61 5.05 9.12
C PRO A 328 11.04 5.67 7.85
N LYS A 329 11.53 5.26 6.67
CA LYS A 329 11.09 5.87 5.43
C LYS A 329 9.72 5.37 4.97
N THR A 330 9.26 4.23 5.49
CA THR A 330 7.98 3.67 5.12
C THR A 330 7.04 3.38 6.29
N GLY A 331 7.54 3.38 7.52
CA GLY A 331 6.77 2.95 8.66
C GLY A 331 6.60 1.44 8.78
N ARG A 332 7.06 0.68 7.80
CA ARG A 332 6.86 -0.77 7.82
C ARG A 332 7.76 -1.42 8.87
N ILE A 333 7.24 -2.45 9.52
CA ILE A 333 8.02 -3.27 10.43
C ILE A 333 8.83 -4.27 9.61
N SER A 334 10.12 -4.41 9.93
N SER A 334 10.11 -4.39 9.92
CA SER A 334 10.96 -5.39 9.25
CA SER A 334 10.98 -5.40 9.29
C SER A 334 10.62 -6.78 9.80
C SER A 334 10.58 -6.77 9.84
N VAL A 335 9.81 -7.52 9.06
CA VAL A 335 9.19 -8.75 9.57
C VAL A 335 9.84 -10.01 9.02
N PRO A 336 9.97 -11.07 9.82
CA PRO A 336 10.42 -12.35 9.29
C PRO A 336 9.49 -12.86 8.20
N ILE A 337 10.07 -13.58 7.25
CA ILE A 337 9.35 -14.14 6.10
C ILE A 337 9.17 -15.64 6.32
N ASP A 338 7.94 -16.11 6.19
CA ASP A 338 7.65 -17.54 6.33
C ASP A 338 8.20 -18.28 5.12
N LEU A 339 9.29 -19.02 5.32
CA LEU A 339 9.93 -19.71 4.21
C LEU A 339 8.99 -20.66 3.49
N GLN A 340 7.99 -21.20 4.20
CA GLN A 340 7.05 -22.12 3.60
C GLN A 340 5.96 -21.42 2.80
N LYS A 341 5.91 -20.09 2.83
CA LYS A 341 4.91 -19.33 2.08
C LYS A 341 5.56 -18.18 1.31
N VAL A 342 6.80 -18.39 0.84
CA VAL A 342 7.56 -17.28 0.28
C VAL A 342 6.90 -16.76 -0.99
N ASP A 343 6.27 -17.63 -1.78
CA ASP A 343 5.63 -17.18 -3.01
C ASP A 343 4.44 -16.28 -2.72
N GLN A 344 3.81 -16.42 -1.56
CA GLN A 344 2.65 -15.62 -1.20
C GLN A 344 3.01 -14.31 -0.50
N PHE A 345 4.28 -14.12 -0.14
CA PHE A 345 4.63 -12.94 0.64
C PHE A 345 4.25 -11.67 -0.11
N ASP A 346 3.44 -10.83 0.53
CA ASP A 346 3.05 -9.55 -0.04
C ASP A 346 3.68 -8.44 0.78
N PRO A 347 4.68 -7.73 0.27
CA PRO A 347 5.26 -6.61 1.05
C PRO A 347 4.23 -5.54 1.40
N PHE A 348 3.12 -5.45 0.67
CA PHE A 348 2.16 -4.38 0.89
C PHE A 348 1.11 -4.73 1.93
N THR A 349 1.04 -5.99 2.39
CA THR A 349 0.28 -6.31 3.58
C THR A 349 1.13 -6.18 4.85
N VAL A 350 2.43 -5.93 4.72
CA VAL A 350 3.28 -5.84 5.91
C VAL A 350 2.81 -4.66 6.76
N PRO A 351 2.51 -4.86 8.04
CA PRO A 351 1.95 -3.77 8.84
C PRO A 351 2.95 -2.66 9.11
N THR A 352 2.45 -1.42 9.04
CA THR A 352 3.19 -0.27 9.52
C THR A 352 3.02 -0.15 11.02
N ILE A 353 3.90 0.65 11.64
CA ILE A 353 3.79 0.89 13.07
C ILE A 353 2.48 1.64 13.37
N SER A 354 2.08 2.55 12.49
CA SER A 354 0.79 3.22 12.68
C SER A 354 -0.36 2.22 12.66
N PHE A 355 -0.31 1.25 11.74
CA PHE A 355 -1.41 0.31 11.57
C PHE A 355 -1.58 -0.58 12.80
N ILE A 356 -0.48 -1.08 13.37
CA ILE A 356 -0.60 -1.98 14.52
C ILE A 356 -0.90 -1.21 15.80
N CYS A 357 -0.44 0.04 15.93
CA CYS A 357 -0.84 0.85 17.07
C CYS A 357 -2.33 1.14 17.04
N ARG A 358 -2.89 1.31 15.85
CA ARG A 358 -4.32 1.46 15.70
C ARG A 358 -5.05 0.19 16.09
N GLU A 359 -4.59 -0.96 15.59
CA GLU A 359 -5.21 -2.23 15.95
C GLU A 359 -5.16 -2.46 17.45
N LEU A 360 -4.04 -2.12 18.09
CA LEU A 360 -3.86 -2.47 19.50
C LEU A 360 -5.00 -1.91 20.35
N ASP A 361 -5.49 -0.72 20.01
CA ASP A 361 -6.47 -0.02 20.84
C ASP A 361 -7.77 0.24 20.09
N ALA A 362 -8.07 -0.53 19.06
CA ALA A 362 -9.35 -0.47 18.38
C ALA A 362 -10.34 -1.41 19.03
N ILE A 363 -11.61 -1.03 19.01
CA ILE A 363 -12.67 -1.81 19.63
C ILE A 363 -13.62 -2.36 18.58
N THR A 383 -5.81 -8.85 26.64
CA THR A 383 -4.35 -8.91 26.62
C THR A 383 -3.82 -7.89 25.64
N ARG A 384 -3.12 -6.88 26.14
CA ARG A 384 -2.71 -5.74 25.34
C ARG A 384 -1.25 -5.89 24.90
N ASP A 385 -1.05 -6.81 23.95
CA ASP A 385 0.26 -7.10 23.39
C ASP A 385 0.10 -7.36 21.89
N TYR A 386 1.19 -7.83 21.25
CA TYR A 386 1.20 -7.96 19.80
C TYR A 386 0.19 -8.99 19.29
N LYS A 387 -0.32 -9.86 20.16
CA LYS A 387 -1.28 -10.87 19.73
C LYS A 387 -2.63 -10.26 19.34
N LYS A 388 -2.88 -9.00 19.72
CA LYS A 388 -4.08 -8.30 19.29
C LYS A 388 -3.92 -7.66 17.91
N THR A 389 -2.77 -7.84 17.25
CA THR A 389 -2.45 -7.07 16.05
C THR A 389 -1.98 -7.98 14.93
N SER A 390 -1.80 -7.36 13.75
CA SER A 390 -1.31 -8.06 12.57
C SER A 390 0.15 -8.47 12.68
N LEU A 391 0.84 -8.08 13.76
CA LEU A 391 2.22 -8.50 13.95
C LEU A 391 2.32 -9.95 14.40
N ALA A 392 1.26 -10.50 15.01
CA ALA A 392 1.32 -11.82 15.63
C ALA A 392 1.82 -12.91 14.70
N PRO A 393 1.31 -13.07 13.47
CA PRO A 393 1.82 -14.15 12.60
C PRO A 393 3.30 -14.00 12.28
N TYR A 394 3.84 -12.78 12.27
CA TYR A 394 5.27 -12.61 12.01
C TYR A 394 6.11 -13.02 13.21
N VAL A 395 5.61 -12.80 14.42
CA VAL A 395 6.32 -13.30 15.59
C VAL A 395 6.30 -14.82 15.61
N LYS A 396 5.24 -15.43 15.08
CA LYS A 396 5.16 -16.89 15.06
C LYS A 396 6.26 -17.49 14.21
N VAL A 397 6.55 -16.86 13.07
CA VAL A 397 7.65 -17.30 12.21
C VAL A 397 8.97 -17.19 12.95
N PHE A 398 9.17 -16.07 13.64
CA PHE A 398 10.36 -15.87 14.46
C PHE A 398 10.49 -16.97 15.50
N GLU A 399 9.38 -17.33 16.15
CA GLU A 399 9.42 -18.35 17.21
C GLU A 399 9.78 -19.72 16.65
N HIS A 400 9.26 -20.06 15.46
CA HIS A 400 9.65 -21.32 14.83
C HIS A 400 11.15 -21.36 14.59
N PHE A 401 11.72 -20.26 14.10
CA PHE A 401 13.17 -20.15 13.96
C PHE A 401 13.88 -20.32 15.30
N LEU A 402 13.32 -19.73 16.35
CA LEU A 402 13.94 -19.85 17.67
C LEU A 402 13.79 -21.25 18.24
N GLU A 403 12.68 -21.92 17.96
CA GLU A 403 12.51 -23.29 18.45
C GLU A 403 13.53 -24.23 17.82
N ASN A 404 13.84 -24.02 16.53
CA ASN A 404 14.85 -24.85 15.89
C ASN A 404 16.23 -24.61 16.50
N LEU A 405 16.55 -23.36 16.82
CA LEU A 405 17.81 -23.08 17.51
C LEU A 405 17.85 -23.75 18.87
N ASP A 406 16.73 -23.73 19.61
CA ASP A 406 16.69 -24.40 20.90
C ASP A 406 16.94 -25.89 20.75
N LYS A 407 16.24 -26.54 19.82
CA LYS A 407 16.45 -27.98 19.60
C LYS A 407 17.92 -28.27 19.31
N SER A 408 18.56 -27.42 18.49
CA SER A 408 19.93 -27.67 18.07
C SER A 408 20.91 -27.62 19.24
N ARG A 409 20.54 -27.01 20.36
CA ARG A 409 21.47 -26.84 21.47
C ARG A 409 21.33 -27.91 22.54
N LYS A 410 20.23 -28.68 22.55
CA LYS A 410 20.05 -29.72 23.54
C LYS A 410 20.54 -31.07 23.01
N GLU B 5 -34.05 15.56 -5.34
CA GLU B 5 -34.16 16.45 -6.48
C GLU B 5 -34.87 15.74 -7.65
N THR B 6 -36.19 15.89 -7.73
CA THR B 6 -36.96 15.25 -8.78
C THR B 6 -36.55 15.81 -10.15
N PHE B 7 -37.04 15.16 -11.20
CA PHE B 7 -36.58 15.45 -12.56
C PHE B 7 -37.46 14.69 -13.54
N ASP B 8 -37.66 15.29 -14.72
CA ASP B 8 -38.43 14.66 -15.79
C ASP B 8 -37.48 13.97 -16.75
N PRO B 9 -37.38 12.63 -16.73
CA PRO B 9 -36.33 11.96 -17.53
C PRO B 9 -36.66 11.76 -18.99
N THR B 10 -37.83 12.21 -19.47
CA THR B 10 -38.12 12.09 -20.89
C THR B 10 -37.31 13.07 -21.73
N GLU B 11 -36.72 14.09 -21.09
CA GLU B 11 -35.79 14.97 -21.77
C GLU B 11 -34.40 14.38 -21.92
N LEU B 12 -34.08 13.32 -21.17
CA LEU B 12 -32.69 12.86 -21.11
C LEU B 12 -32.17 12.38 -22.45
N PRO B 13 -32.89 11.56 -23.22
CA PRO B 13 -32.31 11.08 -24.50
C PRO B 13 -31.76 12.20 -25.37
N GLU B 14 -32.55 13.23 -25.67
CA GLU B 14 -32.07 14.30 -26.53
C GLU B 14 -30.97 15.11 -25.88
N LEU B 15 -31.03 15.30 -24.56
CA LEU B 15 -30.00 16.07 -23.87
C LEU B 15 -28.68 15.29 -23.80
N LEU B 16 -28.76 13.97 -23.54
CA LEU B 16 -27.55 13.16 -23.53
C LEU B 16 -26.86 13.19 -24.89
N LYS B 17 -27.62 13.09 -25.98
CA LYS B 17 -27.03 13.08 -27.30
C LYS B 17 -26.23 14.36 -27.55
N LEU B 18 -26.74 15.49 -27.09
CA LEU B 18 -25.99 16.74 -27.21
C LEU B 18 -24.79 16.75 -26.27
N TYR B 19 -24.99 16.31 -25.02
CA TYR B 19 -23.91 16.23 -24.05
C TYR B 19 -22.74 15.41 -24.59
N TYR B 20 -23.03 14.20 -25.07
CA TYR B 20 -21.98 13.30 -25.52
C TYR B 20 -21.35 13.75 -26.85
N ARG B 21 -22.03 14.61 -27.60
CA ARG B 21 -21.48 15.11 -28.85
C ARG B 21 -20.60 16.33 -28.65
N ARG B 22 -20.96 17.23 -27.74
CA ARG B 22 -20.30 18.52 -27.63
C ARG B 22 -19.73 18.85 -26.26
N LEU B 23 -20.04 18.07 -25.22
CA LEU B 23 -19.68 18.52 -23.87
C LEU B 23 -18.87 17.51 -23.07
N PHE B 24 -19.11 16.21 -23.24
CA PHE B 24 -18.36 15.24 -22.45
C PHE B 24 -16.87 15.40 -22.77
N PRO B 25 -15.99 15.54 -21.74
CA PRO B 25 -14.56 15.80 -22.00
C PRO B 25 -13.76 14.55 -22.34
N TYR B 26 -13.92 14.09 -23.58
CA TYR B 26 -13.35 12.81 -24.00
C TYR B 26 -11.83 12.81 -23.88
N SER B 27 -11.18 13.87 -24.35
N SER B 27 -11.17 13.88 -24.34
CA SER B 27 -9.72 13.90 -24.35
CA SER B 27 -9.71 13.87 -24.34
C SER B 27 -9.16 13.81 -22.94
C SER B 27 -9.14 13.82 -22.94
N GLN B 28 -9.73 14.58 -22.01
CA GLN B 28 -9.30 14.50 -20.62
C GLN B 28 -9.59 13.12 -20.04
N TYR B 29 -10.78 12.59 -20.34
CA TYR B 29 -11.20 11.29 -19.83
C TYR B 29 -10.23 10.19 -20.26
N TYR B 30 -9.87 10.19 -21.55
CA TYR B 30 -8.93 9.19 -22.04
C TYR B 30 -7.54 9.39 -21.44
N ARG B 31 -7.09 10.64 -21.34
CA ARG B 31 -5.82 10.93 -20.69
C ARG B 31 -5.78 10.33 -19.29
N TRP B 32 -6.92 10.34 -18.59
CA TRP B 32 -7.01 9.74 -17.27
C TRP B 32 -6.80 8.24 -17.35
N LEU B 33 -7.76 7.55 -17.97
CA LEU B 33 -7.81 6.10 -17.90
C LEU B 33 -6.78 5.41 -18.79
N ASN B 34 -6.07 6.16 -19.63
CA ASN B 34 -4.95 5.59 -20.37
C ASN B 34 -3.66 5.62 -19.55
N TYR B 35 -3.62 6.40 -18.48
CA TYR B 35 -2.48 6.50 -17.58
C TYR B 35 -1.15 6.52 -18.34
N GLY B 36 -1.05 7.50 -19.24
CA GLY B 36 0.15 7.72 -20.01
C GLY B 36 0.41 6.75 -21.14
N GLY B 37 -0.38 5.68 -21.24
CA GLY B 37 -0.17 4.71 -22.29
C GLY B 37 1.08 3.88 -22.14
N VAL B 38 1.67 3.85 -20.94
CA VAL B 38 2.93 3.15 -20.74
C VAL B 38 2.71 1.64 -20.58
N ILE B 39 1.57 1.23 -20.06
CA ILE B 39 1.25 -0.19 -19.91
C ILE B 39 0.37 -0.62 -21.08
N LYS B 40 0.80 -1.68 -21.77
CA LYS B 40 0.03 -2.22 -22.88
C LYS B 40 -1.34 -2.70 -22.41
N ASN B 41 -2.37 -2.37 -23.18
CA ASN B 41 -3.72 -2.86 -22.97
C ASN B 41 -4.37 -2.31 -21.69
N TYR B 42 -3.81 -1.26 -21.09
CA TYR B 42 -4.37 -0.80 -19.82
C TYR B 42 -5.77 -0.20 -20.01
N PHE B 43 -5.94 0.62 -21.04
CA PHE B 43 -7.28 1.12 -21.36
C PHE B 43 -8.13 0.03 -21.99
N GLN B 44 -7.52 -0.79 -22.86
CA GLN B 44 -8.27 -1.79 -23.62
C GLN B 44 -8.89 -2.85 -22.72
N HIS B 45 -8.25 -3.13 -21.58
CA HIS B 45 -8.73 -4.15 -20.65
C HIS B 45 -9.58 -3.56 -19.52
N ARG B 46 -9.98 -2.29 -19.62
CA ARG B 46 -10.81 -1.65 -18.62
C ARG B 46 -12.28 -1.99 -18.87
N GLU B 47 -12.99 -2.40 -17.82
CA GLU B 47 -14.42 -2.60 -17.93
C GLU B 47 -15.16 -1.28 -17.76
N PHE B 48 -16.08 -1.01 -18.68
CA PHE B 48 -17.10 -0.01 -18.50
C PHE B 48 -18.45 -0.70 -18.42
N SER B 49 -19.39 -0.07 -17.73
CA SER B 49 -20.77 -0.53 -17.67
C SER B 49 -21.67 0.64 -18.04
N PHE B 50 -22.56 0.42 -19.00
CA PHE B 50 -23.51 1.43 -19.45
C PHE B 50 -24.88 1.11 -18.88
N THR B 51 -25.55 2.11 -18.32
CA THR B 51 -26.96 1.98 -17.99
C THR B 51 -27.78 2.68 -19.06
N LEU B 52 -28.80 2.00 -19.56
CA LEU B 52 -29.68 2.52 -20.58
C LEU B 52 -31.00 2.96 -19.94
N LYS B 53 -32.04 3.12 -20.75
CA LYS B 53 -33.34 3.48 -20.22
C LYS B 53 -33.84 2.38 -19.28
N ASP B 54 -34.63 2.79 -18.27
CA ASP B 54 -35.34 1.86 -17.40
C ASP B 54 -34.39 1.06 -16.51
N ASP B 55 -33.24 1.66 -16.14
CA ASP B 55 -32.26 1.01 -15.26
C ASP B 55 -31.84 -0.36 -15.77
N ILE B 56 -31.86 -0.54 -17.08
CA ILE B 56 -31.27 -1.71 -17.71
C ILE B 56 -29.81 -1.39 -18.01
N TYR B 57 -28.91 -2.29 -17.62
CA TYR B 57 -27.49 -2.02 -17.78
C TYR B 57 -26.78 -3.24 -18.35
N ILE B 58 -25.63 -2.99 -18.95
CA ILE B 58 -24.82 -4.01 -19.60
C ILE B 58 -23.40 -3.92 -19.07
N ARG B 59 -22.86 -5.03 -18.59
CA ARG B 59 -21.53 -5.06 -18.02
C ARG B 59 -20.50 -5.51 -19.06
N TYR B 60 -19.23 -5.39 -18.68
CA TYR B 60 -18.10 -5.92 -19.45
C TYR B 60 -18.04 -5.31 -20.84
N GLN B 61 -18.23 -4.00 -20.92
CA GLN B 61 -17.95 -3.24 -22.13
C GLN B 61 -16.49 -2.78 -22.09
N SER B 62 -15.85 -2.77 -23.26
CA SER B 62 -14.47 -2.31 -23.35
C SER B 62 -14.23 -1.80 -24.77
N PHE B 63 -13.20 -0.96 -24.90
CA PHE B 63 -12.96 -0.24 -26.14
C PHE B 63 -11.47 -0.23 -26.44
N ASN B 64 -11.15 0.02 -27.71
CA ASN B 64 -9.77 -0.05 -28.18
C ASN B 64 -9.01 1.25 -27.99
N ASN B 65 -9.70 2.38 -27.96
CA ASN B 65 -9.04 3.68 -27.94
C ASN B 65 -10.11 4.75 -27.74
N GLN B 66 -9.66 6.01 -27.70
CA GLN B 66 -10.58 7.12 -27.45
C GLN B 66 -11.68 7.17 -28.51
N SER B 67 -11.30 7.11 -29.79
CA SER B 67 -12.29 7.23 -30.86
C SER B 67 -13.33 6.12 -30.79
N ASP B 68 -12.91 4.91 -30.43
CA ASP B 68 -13.86 3.81 -30.27
C ASP B 68 -14.83 4.11 -29.13
N LEU B 69 -14.32 4.67 -28.03
CA LEU B 69 -15.19 5.02 -26.92
C LEU B 69 -16.20 6.10 -27.33
N GLU B 70 -15.71 7.17 -27.94
CA GLU B 70 -16.60 8.23 -28.43
C GLU B 70 -17.70 7.66 -29.30
N LYS B 71 -17.32 6.85 -30.29
CA LYS B 71 -18.30 6.33 -31.24
C LYS B 71 -19.39 5.53 -30.54
N GLU B 72 -19.01 4.69 -29.57
CA GLU B 72 -19.98 3.82 -28.91
C GLU B 72 -20.81 4.58 -27.90
N MET B 73 -20.24 5.59 -27.24
CA MET B 73 -21.03 6.42 -26.32
C MET B 73 -22.05 7.25 -27.09
N GLN B 74 -21.70 7.70 -28.29
CA GLN B 74 -22.63 8.47 -29.10
C GLN B 74 -23.69 7.58 -29.75
N LYS B 75 -23.34 6.33 -30.06
CA LYS B 75 -24.34 5.40 -30.56
C LYS B 75 -25.35 5.03 -29.48
N MET B 76 -24.86 4.58 -28.32
CA MET B 76 -25.73 4.02 -27.30
C MET B 76 -26.36 5.08 -26.42
N ASN B 77 -25.76 6.28 -26.34
N ASN B 77 -25.73 6.24 -26.27
CA ASN B 77 -26.25 7.37 -25.51
CA ASN B 77 -26.33 7.34 -25.53
C ASN B 77 -26.64 6.86 -24.13
C ASN B 77 -26.66 6.90 -24.10
N PRO B 78 -25.68 6.39 -23.34
CA PRO B 78 -26.00 5.81 -22.02
C PRO B 78 -26.50 6.86 -21.04
N TYR B 79 -27.49 6.47 -20.24
CA TYR B 79 -27.98 7.33 -19.16
C TYR B 79 -26.91 7.53 -18.09
N LYS B 80 -26.13 6.48 -17.79
CA LYS B 80 -24.96 6.68 -16.95
C LYS B 80 -23.90 5.63 -17.28
N ILE B 81 -22.70 5.90 -16.82
CA ILE B 81 -21.52 5.09 -17.11
C ILE B 81 -20.83 4.80 -15.79
N ASP B 82 -20.51 3.52 -15.57
CA ASP B 82 -19.75 3.06 -14.42
C ASP B 82 -18.39 2.57 -14.89
N ILE B 83 -17.37 2.73 -14.04
CA ILE B 83 -16.01 2.29 -14.33
C ILE B 83 -15.68 1.12 -13.41
N GLY B 84 -15.09 0.08 -13.98
CA GLY B 84 -14.67 -1.09 -13.22
C GLY B 84 -13.18 -1.31 -13.24
N ALA B 85 -12.76 -2.57 -13.12
CA ALA B 85 -11.34 -2.89 -12.99
C ALA B 85 -10.67 -2.95 -14.36
N VAL B 86 -9.34 -2.98 -14.33
CA VAL B 86 -8.53 -3.36 -15.48
C VAL B 86 -8.31 -4.86 -15.39
N TYR B 87 -8.70 -5.59 -16.43
CA TYR B 87 -8.75 -7.05 -16.39
C TYR B 87 -7.59 -7.66 -17.16
N SER B 88 -7.44 -8.98 -16.99
CA SER B 88 -6.38 -9.73 -17.65
C SER B 88 -6.61 -9.87 -19.15
N HIS B 89 -7.86 -9.76 -19.60
CA HIS B 89 -8.21 -9.80 -21.00
C HIS B 89 -9.21 -8.67 -21.28
N ARG B 90 -9.54 -8.50 -22.55
CA ARG B 90 -10.56 -7.53 -22.91
C ARG B 90 -11.90 -7.95 -22.31
N PRO B 91 -12.55 -7.09 -21.52
CA PRO B 91 -13.85 -7.49 -20.95
C PRO B 91 -14.88 -7.91 -21.99
N ASN B 92 -14.89 -7.28 -23.16
CA ASN B 92 -15.89 -7.65 -24.16
C ASN B 92 -15.55 -8.95 -24.88
N GLN B 93 -14.45 -9.62 -24.49
CA GLN B 93 -14.15 -10.97 -24.96
C GLN B 93 -14.13 -11.98 -23.82
N HIS B 94 -14.68 -11.63 -22.65
CA HIS B 94 -14.51 -12.47 -21.48
C HIS B 94 -15.19 -13.83 -21.60
N ASN B 95 -16.18 -13.96 -22.49
CA ASN B 95 -16.85 -15.25 -22.65
C ASN B 95 -16.05 -16.23 -23.49
N THR B 96 -15.00 -15.78 -24.20
CA THR B 96 -14.12 -16.66 -24.95
C THR B 96 -12.86 -17.01 -24.16
N VAL B 97 -12.76 -16.58 -22.91
CA VAL B 97 -11.59 -16.84 -22.08
C VAL B 97 -11.86 -18.09 -21.26
N LYS B 98 -10.85 -18.95 -21.15
CA LYS B 98 -11.00 -20.18 -20.38
C LYS B 98 -11.40 -19.86 -18.95
N LEU B 99 -12.31 -20.67 -18.41
CA LEU B 99 -12.90 -20.39 -17.10
C LEU B 99 -11.82 -20.27 -16.04
N GLY B 100 -11.90 -19.21 -15.23
CA GLY B 100 -10.92 -18.92 -14.22
C GLY B 100 -9.82 -17.98 -14.65
N ALA B 101 -9.56 -17.87 -15.96
CA ALA B 101 -8.45 -17.06 -16.45
C ALA B 101 -8.81 -15.59 -16.60
N PHE B 102 -10.09 -15.25 -16.62
CA PHE B 102 -10.53 -13.85 -16.70
C PHE B 102 -10.59 -13.29 -15.29
N GLN B 103 -9.62 -12.44 -14.95
CA GLN B 103 -9.46 -11.94 -13.58
C GLN B 103 -9.18 -10.45 -13.59
N ALA B 104 -9.79 -9.74 -12.64
CA ALA B 104 -9.42 -8.35 -12.42
C ALA B 104 -7.99 -8.27 -11.92
N GLN B 105 -7.25 -7.29 -12.41
N GLN B 105 -7.25 -7.29 -12.42
CA GLN B 105 -5.84 -7.14 -12.07
CA GLN B 105 -5.83 -7.12 -12.11
C GLN B 105 -5.54 -5.85 -11.32
C GLN B 105 -5.55 -5.85 -11.32
N GLU B 106 -6.13 -4.73 -11.72
CA GLU B 106 -5.86 -3.46 -11.07
C GLU B 106 -7.12 -2.60 -11.12
N LYS B 107 -7.25 -1.73 -10.11
CA LYS B 107 -8.30 -0.73 -10.11
C LYS B 107 -7.96 0.33 -9.07
N GLU B 108 -8.38 1.56 -9.35
CA GLU B 108 -8.31 2.63 -8.38
C GLU B 108 -8.94 2.21 -7.06
N LEU B 109 -8.37 2.68 -5.96
CA LEU B 109 -9.01 2.57 -4.65
C LEU B 109 -10.11 3.61 -4.57
N VAL B 110 -11.35 3.19 -4.34
CA VAL B 110 -12.48 4.12 -4.39
C VAL B 110 -13.23 4.11 -3.06
N PHE B 111 -13.87 5.25 -2.78
CA PHE B 111 -14.74 5.43 -1.64
C PHE B 111 -16.08 6.01 -2.11
N ASP B 112 -17.15 5.60 -1.44
CA ASP B 112 -18.51 6.03 -1.77
C ASP B 112 -19.20 6.39 -0.47
N ILE B 113 -19.51 7.67 -0.28
CA ILE B 113 -20.12 8.16 0.95
C ILE B 113 -21.54 8.61 0.61
N ASP B 114 -22.51 8.07 1.34
CA ASP B 114 -23.93 8.29 1.09
C ASP B 114 -24.56 8.97 2.30
N MET B 115 -25.24 10.09 2.07
CA MET B 115 -25.85 10.81 3.18
C MET B 115 -26.88 9.94 3.90
N THR B 116 -27.51 9.02 3.17
CA THR B 116 -28.52 8.15 3.76
C THR B 116 -27.96 7.38 4.95
N ASP B 117 -26.66 7.08 4.95
CA ASP B 117 -26.05 6.34 6.06
C ASP B 117 -25.99 7.16 7.34
N TYR B 118 -26.29 8.46 7.29
CA TYR B 118 -26.31 9.30 8.48
C TYR B 118 -27.73 9.57 8.97
N ASP B 119 -28.72 8.85 8.45
CA ASP B 119 -30.11 9.18 8.76
C ASP B 119 -30.37 9.17 10.27
N ASP B 120 -29.60 8.40 11.04
CA ASP B 120 -29.85 8.33 12.47
C ASP B 120 -29.29 9.52 13.24
N VAL B 121 -28.53 10.40 12.60
CA VAL B 121 -27.93 11.53 13.32
C VAL B 121 -28.17 12.86 12.60
N ARG B 122 -28.99 12.86 11.56
CA ARG B 122 -29.42 14.12 10.95
C ARG B 122 -30.93 14.25 11.09
N ARG B 123 -31.38 15.45 11.41
CA ARG B 123 -32.78 15.73 11.70
C ARG B 123 -33.50 16.47 10.59
N CYS B 124 -32.78 16.92 9.56
CA CYS B 124 -33.37 17.77 8.53
C CYS B 124 -33.87 17.00 7.33
N CYS B 125 -33.25 15.88 7.00
CA CYS B 125 -33.54 15.17 5.76
C CYS B 125 -33.53 13.66 6.01
N SER B 126 -33.94 12.90 5.00
CA SER B 126 -33.86 11.44 5.06
C SER B 126 -33.76 10.88 3.65
N SER B 127 -33.36 9.62 3.60
CA SER B 127 -33.25 8.88 2.33
C SER B 127 -32.26 9.63 1.45
N ALA B 128 -32.55 9.87 0.18
CA ALA B 128 -31.62 10.55 -0.72
C ALA B 128 -31.73 12.07 -0.67
N ASP B 129 -32.63 12.60 0.16
CA ASP B 129 -32.72 14.05 0.31
C ASP B 129 -31.48 14.61 1.00
N ILE B 130 -31.05 15.79 0.54
CA ILE B 130 -29.98 16.55 1.17
C ILE B 130 -30.46 18.00 1.29
N CYS B 131 -29.74 18.77 2.11
CA CYS B 131 -30.03 20.19 2.24
C CYS B 131 -28.78 20.87 2.79
N PRO B 132 -28.74 22.20 2.82
CA PRO B 132 -27.55 22.88 3.34
C PRO B 132 -27.25 22.57 4.80
N LYS B 133 -28.24 22.12 5.58
CA LYS B 133 -28.00 21.87 6.99
C LYS B 133 -27.27 20.56 7.25
N CYS B 134 -27.33 19.60 6.33
CA CYS B 134 -26.66 18.32 6.51
C CYS B 134 -25.49 18.10 5.57
N TRP B 135 -25.35 18.90 4.51
CA TRP B 135 -24.24 18.70 3.60
C TRP B 135 -22.89 18.87 4.29
N THR B 136 -22.83 19.60 5.40
CA THR B 136 -21.58 19.73 6.14
C THR B 136 -21.01 18.38 6.55
N LEU B 137 -21.85 17.35 6.67
CA LEU B 137 -21.35 16.00 6.93
C LEU B 137 -20.40 15.55 5.84
N MET B 138 -20.69 15.90 4.58
CA MET B 138 -19.82 15.52 3.48
C MET B 138 -18.53 16.33 3.49
N THR B 139 -18.61 17.61 3.86
CA THR B 139 -17.41 18.42 4.00
C THR B 139 -16.45 17.79 5.01
N MET B 140 -16.98 17.40 6.17
CA MET B 140 -16.14 16.76 7.19
C MET B 140 -15.65 15.41 6.71
N ALA B 141 -16.49 14.66 6.00
CA ALA B 141 -16.08 13.36 5.50
C ALA B 141 -14.91 13.49 4.52
N ILE B 142 -14.97 14.48 3.63
CA ILE B 142 -13.89 14.68 2.67
C ILE B 142 -12.61 15.06 3.38
N ARG B 143 -12.68 16.02 4.31
CA ARG B 143 -11.47 16.49 4.96
C ARG B 143 -10.84 15.40 5.81
N ILE B 144 -11.65 14.59 6.49
CA ILE B 144 -11.14 13.54 7.36
C ILE B 144 -10.50 12.43 6.53
N ILE B 145 -11.22 11.93 5.53
CA ILE B 145 -10.70 10.84 4.72
C ILE B 145 -9.51 11.31 3.89
N ASP B 146 -9.61 12.51 3.29
CA ASP B 146 -8.53 12.96 2.41
C ASP B 146 -7.24 13.20 3.18
N ARG B 147 -7.34 13.73 4.40
CA ARG B 147 -6.13 13.95 5.20
C ARG B 147 -5.45 12.62 5.50
N ALA B 148 -6.23 11.59 5.86
CA ALA B 148 -5.65 10.29 6.15
C ALA B 148 -5.04 9.66 4.91
N LEU B 149 -5.74 9.72 3.78
CA LEU B 149 -5.19 9.16 2.54
C LEU B 149 -3.89 9.86 2.17
N LYS B 150 -3.86 11.18 2.28
CA LYS B 150 -2.66 11.94 1.92
C LYS B 150 -1.54 11.71 2.91
N GLU B 151 -1.79 11.98 4.19
CA GLU B 151 -0.74 12.06 5.19
C GLU B 151 -0.41 10.71 5.83
N ASP B 152 -1.43 9.89 6.12
CA ASP B 152 -1.17 8.64 6.82
C ASP B 152 -0.72 7.53 5.86
N PHE B 153 -1.32 7.47 4.67
CA PHE B 153 -1.00 6.43 3.70
C PHE B 153 -0.06 6.90 2.60
N GLY B 154 0.13 8.21 2.43
CA GLY B 154 1.03 8.71 1.42
C GLY B 154 0.51 8.67 0.01
N PHE B 155 -0.80 8.66 -0.18
CA PHE B 155 -1.38 8.63 -1.52
C PHE B 155 -1.45 10.04 -2.08
N LYS B 156 -0.94 10.22 -3.30
CA LYS B 156 -0.74 11.56 -3.86
C LYS B 156 -1.78 11.97 -4.89
N HIS B 157 -2.54 11.03 -5.47
CA HIS B 157 -3.45 11.34 -6.57
C HIS B 157 -4.86 10.91 -6.20
N ARG B 158 -5.61 11.86 -5.66
CA ARG B 158 -6.93 11.62 -5.09
C ARG B 158 -7.92 12.54 -5.79
N LEU B 159 -8.92 11.95 -6.44
CA LEU B 159 -9.95 12.71 -7.16
C LEU B 159 -11.28 12.56 -6.44
N TRP B 160 -11.77 13.64 -5.85
CA TRP B 160 -13.07 13.68 -5.20
C TRP B 160 -14.13 14.19 -6.18
N VAL B 161 -15.29 13.54 -6.17
CA VAL B 161 -16.33 13.76 -7.17
C VAL B 161 -17.69 13.76 -6.48
N TYR B 162 -18.55 14.69 -6.87
CA TYR B 162 -19.94 14.68 -6.42
C TYR B 162 -20.68 13.56 -7.12
N SER B 163 -21.41 12.75 -6.34
CA SER B 163 -22.12 11.61 -6.91
C SER B 163 -23.31 12.01 -7.78
N GLY B 164 -23.73 13.27 -7.72
CA GLY B 164 -24.88 13.73 -8.48
C GLY B 164 -26.18 13.75 -7.72
N ARG B 165 -26.23 13.15 -6.53
CA ARG B 165 -27.44 13.24 -5.72
C ARG B 165 -27.13 13.40 -4.23
N ARG B 166 -26.65 12.34 -3.58
CA ARG B 166 -26.68 12.27 -2.13
C ARG B 166 -25.31 12.04 -1.49
N GLY B 167 -24.22 12.30 -2.20
CA GLY B 167 -22.92 12.15 -1.56
C GLY B 167 -21.76 12.38 -2.51
N VAL B 168 -20.62 11.81 -2.14
CA VAL B 168 -19.35 12.07 -2.81
C VAL B 168 -18.59 10.77 -2.99
N HIS B 169 -17.71 10.76 -4.00
CA HIS B 169 -16.83 9.66 -4.30
C HIS B 169 -15.39 10.13 -4.18
N CYS B 170 -14.47 9.20 -3.88
CA CYS B 170 -13.05 9.45 -4.02
C CYS B 170 -12.43 8.36 -4.90
N TRP B 171 -11.57 8.77 -5.82
CA TRP B 171 -10.76 7.88 -6.63
C TRP B 171 -9.29 8.13 -6.26
N VAL B 172 -8.65 7.13 -5.67
CA VAL B 172 -7.22 7.17 -5.37
C VAL B 172 -6.51 6.44 -6.51
N CYS B 173 -5.64 7.17 -7.23
CA CYS B 173 -5.17 6.70 -8.52
C CYS B 173 -3.65 6.51 -8.58
N ASP B 174 -2.96 6.51 -7.44
CA ASP B 174 -1.53 6.24 -7.47
C ASP B 174 -1.25 4.90 -8.12
N GLU B 175 -0.15 4.82 -8.88
CA GLU B 175 0.25 3.57 -9.50
C GLU B 175 0.33 2.43 -8.49
N SER B 176 0.90 2.69 -7.33
CA SER B 176 1.03 1.65 -6.31
C SER B 176 -0.32 1.26 -5.73
N VAL B 177 -1.27 2.19 -5.69
CA VAL B 177 -2.57 1.89 -5.10
C VAL B 177 -3.41 1.04 -6.04
N ARG B 178 -3.37 1.32 -7.34
CA ARG B 178 -4.17 0.54 -8.29
C ARG B 178 -3.81 -0.94 -8.25
N LYS B 179 -2.59 -1.29 -7.83
CA LYS B 179 -2.14 -2.67 -7.79
C LYS B 179 -2.46 -3.38 -6.47
N LEU B 180 -3.02 -2.68 -5.50
CA LEU B 180 -3.24 -3.27 -4.18
C LEU B 180 -4.31 -4.36 -4.23
N SER B 181 -4.14 -5.37 -3.39
CA SER B 181 -5.08 -6.48 -3.29
C SER B 181 -6.33 -6.07 -2.53
N SER B 182 -7.40 -6.85 -2.70
CA SER B 182 -8.59 -6.68 -1.90
C SER B 182 -8.29 -6.75 -0.42
N ALA B 183 -7.33 -7.61 -0.03
CA ALA B 183 -6.98 -7.73 1.37
C ALA B 183 -6.39 -6.43 1.91
N VAL B 184 -5.47 -5.81 1.15
CA VAL B 184 -4.91 -4.55 1.59
C VAL B 184 -5.98 -3.47 1.64
N ARG B 185 -6.86 -3.44 0.63
CA ARG B 185 -7.94 -2.44 0.62
C ARG B 185 -8.82 -2.58 1.86
N SER B 186 -9.12 -3.81 2.26
CA SER B 186 -9.94 -4.01 3.45
C SER B 186 -9.23 -3.50 4.70
N GLY B 187 -7.91 -3.64 4.75
CA GLY B 187 -7.17 -3.11 5.88
C GLY B 187 -7.23 -1.59 5.94
N ILE B 188 -7.22 -0.93 4.78
CA ILE B 188 -7.33 0.53 4.74
C ILE B 188 -8.69 0.97 5.27
N VAL B 189 -9.75 0.29 4.84
CA VAL B 189 -11.09 0.60 5.34
C VAL B 189 -11.14 0.44 6.85
N GLU B 190 -10.59 -0.66 7.37
CA GLU B 190 -10.60 -0.90 8.81
C GLU B 190 -9.90 0.23 9.54
N TYR B 191 -8.71 0.61 9.09
CA TYR B 191 -7.97 1.70 9.72
C TYR B 191 -8.80 2.98 9.78
N LEU B 192 -9.59 3.25 8.74
CA LEU B 192 -10.33 4.50 8.64
C LEU B 192 -11.67 4.48 9.34
N SER B 193 -12.12 3.35 9.86
CA SER B 193 -13.49 3.20 10.32
C SER B 193 -13.58 3.37 11.83
N LEU B 194 -14.51 4.18 12.29
CA LEU B 194 -14.79 4.35 13.72
C LEU B 194 -16.25 4.15 14.09
N VAL B 195 -17.19 4.29 13.17
CA VAL B 195 -18.61 4.16 13.46
C VAL B 195 -19.06 2.79 12.95
N LYS B 196 -19.42 1.91 13.88
CA LYS B 196 -19.74 0.53 13.55
C LYS B 196 -21.09 0.15 14.18
N GLY B 197 -21.90 -0.58 13.41
CA GLY B 197 -23.11 -1.17 13.94
C GLY B 197 -24.37 -0.78 13.18
N GLY B 198 -25.25 -1.74 12.97
CA GLY B 198 -26.51 -1.50 12.29
C GLY B 198 -27.50 -0.78 13.18
N GLN B 199 -28.78 -0.89 12.80
CA GLN B 199 -29.83 -0.15 13.47
C GLN B 199 -30.07 -0.62 14.90
N ASP B 200 -29.70 -1.86 15.23
CA ASP B 200 -29.88 -2.40 16.57
C ASP B 200 -28.74 -2.05 17.51
N VAL B 201 -27.82 -1.18 17.07
CA VAL B 201 -26.68 -0.75 17.88
C VAL B 201 -26.84 0.75 18.12
N LYS B 202 -27.18 1.13 19.36
CA LYS B 202 -27.44 2.54 19.64
C LYS B 202 -26.14 3.33 19.81
N LYS B 203 -25.15 2.77 20.51
CA LYS B 203 -23.85 3.41 20.66
C LYS B 203 -22.89 2.77 19.67
N LYS B 204 -22.44 3.55 18.68
CA LYS B 204 -21.67 3.03 17.55
C LYS B 204 -20.20 3.40 17.60
N VAL B 205 -19.75 4.12 18.62
CA VAL B 205 -18.35 4.53 18.72
C VAL B 205 -17.88 4.29 20.15
N HIS B 206 -16.76 3.57 20.29
CA HIS B 206 -16.14 3.30 21.57
C HIS B 206 -14.65 3.60 21.45
N LEU B 207 -14.17 4.56 22.22
CA LEU B 207 -12.75 4.89 22.24
C LEU B 207 -12.07 4.24 23.44
N SER B 208 -10.83 3.83 23.23
CA SER B 208 -10.00 3.30 24.29
C SER B 208 -9.27 4.45 25.00
N GLU B 209 -8.69 4.14 26.15
CA GLU B 209 -7.95 5.14 26.90
C GLU B 209 -6.86 5.77 26.05
N LYS B 210 -6.22 4.96 25.21
CA LYS B 210 -5.08 5.38 24.40
C LYS B 210 -5.59 5.93 23.07
N ILE B 211 -5.22 7.17 22.75
CA ILE B 211 -5.75 7.87 21.58
C ILE B 211 -4.74 7.79 20.45
N HIS B 212 -5.14 7.18 19.33
CA HIS B 212 -4.30 7.07 18.15
C HIS B 212 -4.30 8.39 17.38
N PRO B 213 -3.17 8.79 16.80
CA PRO B 213 -3.12 10.08 16.08
C PRO B 213 -4.23 10.25 15.06
N PHE B 214 -4.66 9.18 14.39
CA PHE B 214 -5.75 9.28 13.43
C PHE B 214 -7.04 9.76 14.09
N ILE B 215 -7.34 9.24 15.28
CA ILE B 215 -8.54 9.66 16.00
C ILE B 215 -8.42 11.12 16.39
N ARG B 216 -7.27 11.50 16.95
CA ARG B 216 -7.06 12.89 17.36
C ARG B 216 -7.24 13.85 16.18
N LYS B 217 -6.59 13.54 15.05
CA LYS B 217 -6.63 14.46 13.92
C LYS B 217 -8.03 14.55 13.31
N SER B 218 -8.76 13.44 13.30
CA SER B 218 -10.14 13.49 12.81
C SER B 218 -11.03 14.30 13.73
N ILE B 219 -10.88 14.13 15.05
CA ILE B 219 -11.61 14.94 16.01
C ILE B 219 -11.35 16.42 15.78
N ASN B 220 -10.09 16.79 15.55
CA ASN B 220 -9.76 18.20 15.41
C ASN B 220 -10.43 18.82 14.18
N ILE B 221 -10.65 18.03 13.12
CA ILE B 221 -11.40 18.53 11.98
C ILE B 221 -12.86 18.74 12.36
N ILE B 222 -13.46 17.75 13.02
CA ILE B 222 -14.86 17.87 13.45
C ILE B 222 -15.03 19.08 14.35
N LYS B 223 -14.06 19.32 15.23
CA LYS B 223 -14.16 20.44 16.16
C LYS B 223 -14.34 21.77 15.45
N LYS B 224 -13.76 21.92 14.25
CA LYS B 224 -13.89 23.19 13.55
C LYS B 224 -15.31 23.45 13.07
N TYR B 225 -16.10 22.39 12.85
CA TYR B 225 -17.44 22.51 12.32
C TYR B 225 -18.54 22.21 13.33
N PHE B 226 -18.21 21.63 14.48
CA PHE B 226 -19.24 20.98 15.29
C PHE B 226 -20.27 21.99 15.80
N GLU B 227 -19.83 23.17 16.24
CA GLU B 227 -20.76 24.12 16.84
C GLU B 227 -21.82 24.55 15.82
N GLU B 228 -21.39 25.06 14.68
CA GLU B 228 -22.35 25.50 13.66
C GLU B 228 -23.16 24.33 13.12
N TYR B 229 -22.53 23.16 12.95
CA TYR B 229 -23.24 22.06 12.33
C TYR B 229 -24.20 21.39 13.32
N ALA B 230 -23.68 20.92 14.46
CA ALA B 230 -24.46 20.07 15.35
C ALA B 230 -25.34 20.89 16.29
N LEU B 231 -24.82 22.00 16.81
CA LEU B 231 -25.53 22.75 17.84
C LEU B 231 -26.44 23.83 17.28
N VAL B 232 -26.16 24.33 16.08
CA VAL B 232 -26.99 25.36 15.47
C VAL B 232 -27.86 24.74 14.37
N ASN B 233 -27.22 24.23 13.31
CA ASN B 233 -27.97 23.74 12.17
C ASN B 233 -28.81 22.51 12.53
N GLN B 234 -28.23 21.56 13.28
CA GLN B 234 -28.96 20.36 13.66
C GLN B 234 -29.63 20.47 15.02
N ASP B 235 -29.16 21.37 15.89
CA ASP B 235 -29.82 21.61 17.17
C ASP B 235 -30.03 20.31 17.93
N ILE B 236 -28.96 19.51 18.03
CA ILE B 236 -29.07 18.15 18.55
C ILE B 236 -29.47 18.08 20.01
N LEU B 237 -29.40 19.19 20.75
CA LEU B 237 -29.85 19.26 22.13
C LEU B 237 -31.01 20.25 22.26
N GLU B 238 -31.87 20.29 21.25
CA GLU B 238 -32.99 21.24 21.23
C GLU B 238 -33.99 20.94 22.33
N ASN B 239 -34.54 19.73 22.32
CA ASN B 239 -35.62 19.35 23.21
C ASN B 239 -35.31 17.96 23.76
N LYS B 240 -36.25 17.40 24.52
CA LYS B 240 -36.00 16.16 25.23
C LYS B 240 -35.96 14.97 24.29
N GLU B 241 -36.80 14.95 23.26
CA GLU B 241 -36.73 13.90 22.27
C GLU B 241 -35.36 13.88 21.60
N SER B 242 -34.74 15.05 21.42
CA SER B 242 -33.43 15.12 20.80
C SER B 242 -32.34 14.66 21.76
N TRP B 243 -32.21 15.35 22.90
CA TRP B 243 -31.06 15.06 23.77
C TRP B 243 -31.12 13.67 24.38
N ASP B 244 -32.30 13.04 24.43
CA ASP B 244 -32.35 11.66 24.90
C ASP B 244 -31.59 10.73 23.96
N LYS B 245 -31.50 11.08 22.67
CA LYS B 245 -30.69 10.30 21.75
C LYS B 245 -29.22 10.41 22.08
N ILE B 246 -28.80 11.52 22.69
CA ILE B 246 -27.41 11.70 23.11
C ILE B 246 -27.16 11.10 24.48
N LEU B 247 -28.13 11.18 25.39
CA LEU B 247 -27.97 10.52 26.68
C LEU B 247 -27.85 9.01 26.51
N ALA B 248 -28.41 8.46 25.44
CA ALA B 248 -28.24 7.04 25.16
C ALA B 248 -26.79 6.66 24.88
N LEU B 249 -25.93 7.65 24.61
CA LEU B 249 -24.53 7.41 24.30
C LEU B 249 -23.62 7.57 25.50
N VAL B 250 -24.17 7.78 26.69
CA VAL B 250 -23.38 7.99 27.89
C VAL B 250 -23.92 7.10 29.00
N PRO B 251 -23.12 6.83 30.03
CA PRO B 251 -23.56 5.93 31.09
C PRO B 251 -24.73 6.48 31.89
N GLU B 252 -25.52 5.55 32.44
CA GLU B 252 -26.73 5.93 33.16
C GLU B 252 -26.45 6.88 34.30
N THR B 253 -25.40 6.62 35.07
CA THR B 253 -25.17 7.30 36.34
C THR B 253 -25.03 8.82 36.21
N ILE B 254 -25.02 9.36 34.99
CA ILE B 254 -24.97 10.81 34.80
C ILE B 254 -26.19 11.33 34.05
N HIS B 255 -27.13 10.47 33.69
CA HIS B 255 -28.33 10.93 32.98
C HIS B 255 -29.08 11.97 33.79
N ASP B 256 -29.42 11.63 35.04
CA ASP B 256 -30.20 12.54 35.87
C ASP B 256 -29.50 13.89 35.99
N GLU B 257 -28.21 13.88 36.31
CA GLU B 257 -27.46 15.12 36.43
C GLU B 257 -27.56 15.95 35.16
N LEU B 258 -27.50 15.30 34.00
CA LEU B 258 -27.58 16.02 32.73
C LEU B 258 -29.02 16.41 32.41
N GLN B 259 -29.98 15.53 32.70
CA GLN B 259 -31.39 15.87 32.51
C GLN B 259 -31.72 17.22 33.14
N GLN B 260 -31.25 17.45 34.37
CA GLN B 260 -31.55 18.70 35.06
C GLN B 260 -30.75 19.86 34.48
N SER B 261 -29.49 19.62 34.12
CA SER B 261 -28.69 20.66 33.46
C SER B 261 -29.36 21.11 32.17
N PHE B 262 -29.91 20.17 31.40
CA PHE B 262 -30.52 20.50 30.12
C PHE B 262 -31.79 21.34 30.31
N GLN B 263 -32.68 20.91 31.20
CA GLN B 263 -33.92 21.63 31.41
C GLN B 263 -33.67 23.06 31.90
N LYS B 264 -32.60 23.28 32.67
CA LYS B 264 -32.31 24.60 33.20
C LYS B 264 -31.55 25.48 32.20
N SER B 265 -31.08 24.93 31.09
CA SER B 265 -30.47 25.70 30.02
C SER B 265 -31.53 26.00 28.95
N HIS B 266 -31.15 26.84 27.99
CA HIS B 266 -32.09 27.36 27.01
C HIS B 266 -31.78 26.99 25.57
N ASN B 267 -30.56 26.55 25.26
CA ASN B 267 -30.21 26.25 23.88
C ASN B 267 -29.15 25.16 23.84
N SER B 268 -28.89 24.65 22.63
CA SER B 268 -27.98 23.53 22.48
C SER B 268 -26.55 23.90 22.86
N LEU B 269 -26.13 25.13 22.55
CA LEU B 269 -24.77 25.55 22.88
C LEU B 269 -24.49 25.38 24.37
N GLN B 270 -25.39 25.89 25.22
CA GLN B 270 -25.17 25.83 26.65
C GLN B 270 -25.26 24.40 27.17
N ARG B 271 -26.17 23.61 26.60
CA ARG B 271 -26.29 22.21 27.02
C ARG B 271 -25.05 21.42 26.64
N TRP B 272 -24.49 21.69 25.46
CA TRP B 272 -23.25 21.03 25.06
C TRP B 272 -22.13 21.36 26.04
N GLU B 273 -22.01 22.63 26.43
CA GLU B 273 -20.97 23.04 27.36
C GLU B 273 -21.11 22.31 28.70
N HIS B 274 -22.35 22.15 29.18
CA HIS B 274 -22.57 21.37 30.39
C HIS B 274 -22.19 19.91 30.18
N LEU B 275 -22.58 19.34 29.03
CA LEU B 275 -22.28 17.94 28.77
C LEU B 275 -20.77 17.70 28.79
N LYS B 276 -19.98 18.63 28.24
CA LYS B 276 -18.54 18.45 28.22
C LYS B 276 -17.96 18.50 29.63
N LYS B 277 -18.46 19.41 30.47
CA LYS B 277 -18.00 19.48 31.84
C LYS B 277 -18.25 18.17 32.57
N VAL B 278 -19.50 17.68 32.51
CA VAL B 278 -19.85 16.45 33.22
C VAL B 278 -19.02 15.28 32.70
N ALA B 279 -18.97 15.12 31.37
CA ALA B 279 -18.26 13.97 30.80
C ALA B 279 -16.80 13.96 31.22
N SER B 280 -16.17 15.13 31.29
CA SER B 280 -14.75 15.21 31.64
C SER B 280 -14.48 14.92 33.11
N ARG B 281 -15.50 14.81 33.94
CA ARG B 281 -15.34 14.43 35.33
C ARG B 281 -15.90 13.05 35.64
N TYR B 282 -16.40 12.34 34.63
CA TYR B 282 -16.92 11.00 34.83
C TYR B 282 -15.77 10.02 35.00
N GLN B 283 -15.83 9.21 36.05
CA GLN B 283 -14.80 8.21 36.32
C GLN B 283 -15.16 6.94 35.56
N ASN B 284 -14.49 6.72 34.43
CA ASN B 284 -14.78 5.55 33.62
C ASN B 284 -14.24 4.27 34.26
N ASN B 285 -13.14 4.37 34.99
CA ASN B 285 -12.50 3.22 35.63
C ASN B 285 -12.38 3.51 37.12
N ILE B 286 -13.17 2.82 37.93
CA ILE B 286 -13.17 3.07 39.36
C ILE B 286 -11.80 2.82 39.97
N LYS B 287 -10.95 2.03 39.28
CA LYS B 287 -9.66 1.65 39.84
C LYS B 287 -8.64 2.78 39.74
N ASN B 288 -8.68 3.56 38.66
CA ASN B 288 -7.73 4.64 38.46
C ASN B 288 -8.44 5.98 38.51
N ASP B 289 -7.64 7.05 38.59
CA ASP B 289 -8.14 8.41 38.71
C ASP B 289 -7.88 9.19 37.44
N LYS B 290 -8.19 8.59 36.30
CA LYS B 290 -7.89 9.17 34.99
C LYS B 290 -9.17 9.70 34.38
N TYR B 291 -9.14 10.96 33.95
CA TYR B 291 -10.30 11.62 33.38
C TYR B 291 -9.91 12.22 32.03
N GLY B 292 -10.89 12.32 31.13
CA GLY B 292 -10.61 12.74 29.78
C GLY B 292 -11.84 12.97 28.93
N PRO B 293 -11.63 13.20 27.63
CA PRO B 293 -12.73 13.62 26.75
C PRO B 293 -13.35 12.50 25.93
N TRP B 294 -13.18 11.24 26.36
CA TRP B 294 -13.58 10.12 25.53
C TRP B 294 -15.07 10.18 25.18
N LEU B 295 -15.91 10.44 26.18
CA LEU B 295 -17.35 10.48 25.94
C LEU B 295 -17.72 11.60 24.98
N GLU B 296 -17.17 12.80 25.20
CA GLU B 296 -17.39 13.91 24.30
C GLU B 296 -16.99 13.51 22.87
N TRP B 297 -15.83 12.89 22.72
CA TRP B 297 -15.34 12.53 21.38
C TRP B 297 -16.21 11.45 20.74
N GLU B 298 -16.63 10.46 21.53
CA GLU B 298 -17.50 9.41 21.00
C GLU B 298 -18.80 10.00 20.46
N ILE B 299 -19.34 11.01 21.13
CA ILE B 299 -20.57 11.65 20.65
C ILE B 299 -20.30 12.42 19.37
N MET B 300 -19.22 13.22 19.35
N MET B 300 -19.24 13.23 19.35
CA MET B 300 -18.88 13.98 18.15
CA MET B 300 -18.88 13.98 18.15
C MET B 300 -18.64 13.04 16.98
C MET B 300 -18.64 13.04 16.98
N LEU B 301 -17.97 11.91 17.22
CA LEU B 301 -17.68 10.98 16.12
C LEU B 301 -18.95 10.30 15.63
N GLN B 302 -19.81 9.85 16.54
CA GLN B 302 -21.03 9.19 16.12
C GLN B 302 -21.88 10.10 15.24
N TYR B 303 -21.88 11.41 15.53
CA TYR B 303 -22.72 12.33 14.79
C TYR B 303 -22.05 12.94 13.56
N CYS B 304 -20.72 12.84 13.42
CA CYS B 304 -20.03 13.58 12.37
C CYS B 304 -18.98 12.80 11.61
N PHE B 305 -18.56 11.62 12.06
CA PHE B 305 -17.44 10.95 11.41
C PHE B 305 -17.91 10.18 10.18
N PRO B 306 -17.08 10.12 9.12
CA PRO B 306 -17.53 9.47 7.89
C PRO B 306 -17.97 8.02 8.09
N ARG B 307 -19.10 7.69 7.47
CA ARG B 307 -19.58 6.33 7.33
C ARG B 307 -19.43 5.97 5.86
N LEU B 308 -18.51 5.04 5.58
CA LEU B 308 -18.15 4.70 4.22
C LEU B 308 -18.98 3.51 3.74
N ASP B 309 -19.56 3.65 2.55
CA ASP B 309 -20.19 2.50 1.91
C ASP B 309 -19.09 1.46 1.64
N ILE B 310 -18.78 0.64 2.65
CA ILE B 310 -17.47 -0.04 2.69
C ILE B 310 -17.30 -0.95 1.48
N ASN B 311 -18.33 -1.72 1.13
CA ASN B 311 -18.17 -2.73 0.10
C ASN B 311 -17.69 -2.15 -1.21
N VAL B 312 -17.83 -0.83 -1.40
CA VAL B 312 -17.28 -0.19 -2.59
C VAL B 312 -15.75 -0.26 -2.58
N SER B 313 -15.14 -0.31 -1.39
CA SER B 313 -13.70 -0.15 -1.25
C SER B 313 -12.94 -1.47 -1.28
N LYS B 314 -13.52 -2.54 -0.75
CA LYS B 314 -12.77 -3.79 -0.59
C LYS B 314 -12.62 -4.55 -1.91
N GLY B 315 -13.60 -4.47 -2.80
CA GLY B 315 -13.62 -5.29 -3.99
C GLY B 315 -12.92 -4.69 -5.20
N ILE B 316 -11.92 -5.41 -5.73
CA ILE B 316 -11.15 -4.95 -6.88
C ILE B 316 -12.05 -4.77 -8.10
N ASN B 317 -13.13 -5.54 -8.19
CA ASN B 317 -13.99 -5.53 -9.36
C ASN B 317 -15.17 -4.57 -9.25
N HIS B 318 -15.23 -3.76 -8.19
CA HIS B 318 -16.46 -3.02 -7.92
C HIS B 318 -16.64 -1.87 -8.91
N LEU B 319 -17.82 -1.79 -9.49
CA LEU B 319 -18.17 -0.69 -10.37
C LEU B 319 -18.49 0.56 -9.56
N LEU B 320 -18.07 1.72 -10.07
CA LEU B 320 -18.44 3.00 -9.48
C LEU B 320 -18.80 3.95 -10.61
N LYS B 321 -19.80 4.80 -10.38
CA LYS B 321 -20.24 5.72 -11.42
C LYS B 321 -19.10 6.65 -11.80
N SER B 322 -19.00 6.94 -13.10
CA SER B 322 -17.88 7.67 -13.64
C SER B 322 -17.98 9.16 -13.31
N PRO B 323 -16.83 9.82 -13.11
CA PRO B 323 -16.82 11.29 -13.19
C PRO B 323 -17.38 11.75 -14.53
N PHE B 324 -18.12 12.85 -14.50
CA PHE B 324 -18.76 13.47 -15.67
C PHE B 324 -19.89 12.62 -16.22
N SER B 325 -20.26 11.54 -15.56
CA SER B 325 -21.51 10.88 -15.83
C SER B 325 -22.67 11.74 -15.35
N VAL B 326 -23.79 11.65 -16.04
CA VAL B 326 -25.02 12.25 -15.54
C VAL B 326 -25.62 11.32 -14.50
N HIS B 327 -26.24 11.90 -13.47
CA HIS B 327 -27.03 11.12 -12.52
C HIS B 327 -28.45 11.04 -13.05
N PRO B 328 -28.95 9.86 -13.43
CA PRO B 328 -30.23 9.82 -14.17
C PRO B 328 -31.43 10.30 -13.37
N LYS B 329 -31.36 10.25 -12.03
CA LYS B 329 -32.48 10.66 -11.21
C LYS B 329 -32.53 12.15 -10.93
N THR B 330 -31.44 12.88 -11.18
CA THR B 330 -31.40 14.31 -10.89
C THR B 330 -30.96 15.17 -12.07
N GLY B 331 -30.36 14.60 -13.11
CA GLY B 331 -29.79 15.38 -14.18
C GLY B 331 -28.48 16.06 -13.84
N ARG B 332 -28.00 15.96 -12.61
CA ARG B 332 -26.75 16.60 -12.23
C ARG B 332 -25.56 15.86 -12.82
N ILE B 333 -24.53 16.61 -13.20
CA ILE B 333 -23.27 16.03 -13.64
C ILE B 333 -22.45 15.65 -12.42
N SER B 334 -21.85 14.46 -12.45
N SER B 334 -21.84 14.47 -12.44
CA SER B 334 -20.93 14.03 -11.41
CA SER B 334 -20.95 14.05 -11.36
C SER B 334 -19.61 14.77 -11.56
C SER B 334 -19.62 14.77 -11.55
N VAL B 335 -19.49 15.92 -10.90
CA VAL B 335 -18.36 16.83 -11.14
C VAL B 335 -17.25 16.65 -10.11
N PRO B 336 -16.00 16.80 -10.52
CA PRO B 336 -14.90 16.86 -9.55
C PRO B 336 -15.07 18.01 -8.58
N ILE B 337 -14.59 17.79 -7.35
CA ILE B 337 -14.68 18.77 -6.28
C ILE B 337 -13.30 19.41 -6.09
N ASP B 338 -13.26 20.74 -6.16
CA ASP B 338 -12.03 21.47 -5.91
C ASP B 338 -11.68 21.36 -4.43
N LEU B 339 -10.68 20.54 -4.11
CA LEU B 339 -10.31 20.32 -2.72
C LEU B 339 -9.95 21.62 -2.01
N GLN B 340 -9.43 22.60 -2.76
CA GLN B 340 -9.10 23.90 -2.16
C GLN B 340 -10.34 24.72 -1.85
N LYS B 341 -11.52 24.30 -2.30
CA LYS B 341 -12.77 25.03 -2.08
C LYS B 341 -13.85 24.12 -1.52
N VAL B 342 -13.47 23.11 -0.73
CA VAL B 342 -14.43 22.09 -0.32
C VAL B 342 -15.54 22.71 0.52
N ASP B 343 -15.20 23.68 1.38
CA ASP B 343 -16.21 24.30 2.22
C ASP B 343 -17.27 25.00 1.39
N GLN B 344 -16.90 25.48 0.21
CA GLN B 344 -17.81 26.22 -0.66
C GLN B 344 -18.58 25.33 -1.62
N PHE B 345 -18.31 24.03 -1.66
CA PHE B 345 -19.02 23.17 -2.60
C PHE B 345 -20.50 23.12 -2.26
N ASP B 346 -21.34 23.21 -3.29
CA ASP B 346 -22.77 23.41 -3.12
C ASP B 346 -23.53 22.54 -4.12
N PRO B 347 -23.99 21.37 -3.71
CA PRO B 347 -24.71 20.49 -4.64
C PRO B 347 -25.90 21.15 -5.32
N PHE B 348 -26.56 22.11 -4.66
CA PHE B 348 -27.78 22.69 -5.20
C PHE B 348 -27.55 23.50 -6.46
N THR B 349 -26.33 23.99 -6.67
CA THR B 349 -25.98 24.76 -7.86
C THR B 349 -25.03 24.01 -8.79
N VAL B 350 -24.80 22.73 -8.54
CA VAL B 350 -24.02 21.92 -9.49
C VAL B 350 -24.76 21.91 -10.83
N PRO B 351 -24.06 22.01 -11.96
CA PRO B 351 -24.77 22.08 -13.25
C PRO B 351 -25.52 20.80 -13.59
N THR B 352 -26.71 20.98 -14.16
CA THR B 352 -27.48 19.88 -14.73
C THR B 352 -27.20 19.79 -16.22
N ILE B 353 -27.51 18.63 -16.79
CA ILE B 353 -27.32 18.45 -18.23
C ILE B 353 -28.22 19.41 -19.01
N SER B 354 -29.41 19.71 -18.48
CA SER B 354 -30.29 20.66 -19.14
C SER B 354 -29.64 22.05 -19.18
N PHE B 355 -29.12 22.49 -18.04
CA PHE B 355 -28.59 23.86 -17.93
C PHE B 355 -27.42 24.07 -18.89
N ILE B 356 -26.45 23.15 -18.89
CA ILE B 356 -25.27 23.36 -19.72
C ILE B 356 -25.61 23.18 -21.19
N CYS B 357 -26.59 22.32 -21.51
CA CYS B 357 -27.03 22.21 -22.89
C CYS B 357 -27.68 23.52 -23.36
N ARG B 358 -28.40 24.18 -22.47
CA ARG B 358 -28.98 25.49 -22.81
C ARG B 358 -27.88 26.52 -23.05
N GLU B 359 -26.81 26.46 -22.25
CA GLU B 359 -25.72 27.43 -22.40
C GLU B 359 -25.07 27.36 -23.77
N LEU B 360 -25.15 26.22 -24.46
CA LEU B 360 -24.65 26.15 -25.82
C LEU B 360 -25.39 27.09 -26.75
N ASP B 361 -26.61 27.50 -26.39
CA ASP B 361 -27.38 28.39 -27.25
C ASP B 361 -26.76 29.78 -27.32
N ALA B 362 -26.13 30.24 -26.24
CA ALA B 362 -25.40 31.51 -26.28
C ALA B 362 -24.30 31.47 -27.34
N ILE B 363 -23.80 30.27 -27.65
CA ILE B 363 -22.75 30.10 -28.64
C ILE B 363 -23.35 29.97 -30.03
N ASP B 385 -18.71 23.73 -27.06
CA ASP B 385 -17.52 23.39 -26.27
C ASP B 385 -17.75 23.67 -24.79
N TYR B 386 -17.28 22.77 -23.93
CA TYR B 386 -17.54 22.87 -22.50
C TYR B 386 -16.98 24.16 -21.91
N LYS B 387 -15.91 24.70 -22.50
CA LYS B 387 -15.32 25.93 -21.98
C LYS B 387 -16.30 27.08 -21.99
N LYS B 388 -17.34 26.99 -22.82
CA LYS B 388 -18.36 28.02 -22.94
C LYS B 388 -19.49 27.84 -21.93
N THR B 389 -19.41 26.84 -21.05
CA THR B 389 -20.51 26.48 -20.17
C THR B 389 -20.03 26.44 -18.73
N SER B 390 -20.98 26.22 -17.81
N SER B 390 -20.98 26.23 -17.81
CA SER B 390 -20.68 26.12 -16.40
CA SER B 390 -20.66 26.13 -16.40
C SER B 390 -19.93 24.84 -16.05
C SER B 390 -19.90 24.85 -16.06
N LEU B 391 -19.76 23.92 -17.00
CA LEU B 391 -18.96 22.73 -16.77
C LEU B 391 -17.47 23.06 -16.75
N ALA B 392 -17.08 24.21 -17.28
CA ALA B 392 -15.67 24.52 -17.50
C ALA B 392 -14.83 24.44 -16.24
N PRO B 393 -15.17 25.09 -15.13
CA PRO B 393 -14.30 25.03 -13.95
C PRO B 393 -14.14 23.63 -13.37
N TYR B 394 -15.09 22.73 -13.60
CA TYR B 394 -14.95 21.35 -13.13
C TYR B 394 -14.00 20.55 -14.01
N VAL B 395 -13.99 20.84 -15.30
CA VAL B 395 -12.98 20.22 -16.16
C VAL B 395 -11.59 20.68 -15.74
N LYS B 396 -11.48 21.94 -15.31
CA LYS B 396 -10.18 22.47 -14.91
C LYS B 396 -9.65 21.76 -13.66
N VAL B 397 -10.52 21.53 -12.67
CA VAL B 397 -10.13 20.68 -11.54
C VAL B 397 -9.61 19.36 -12.05
N PHE B 398 -10.33 18.74 -12.99
CA PHE B 398 -9.93 17.45 -13.54
C PHE B 398 -8.56 17.53 -14.20
N GLU B 399 -8.31 18.62 -14.94
CA GLU B 399 -7.04 18.74 -15.65
C GLU B 399 -5.86 18.91 -14.70
N HIS B 400 -6.06 19.67 -13.62
CA HIS B 400 -5.01 19.81 -12.62
C HIS B 400 -4.67 18.46 -12.01
N PHE B 401 -5.68 17.65 -11.73
CA PHE B 401 -5.46 16.28 -11.25
C PHE B 401 -4.70 15.45 -12.29
N LEU B 402 -5.06 15.58 -13.56
CA LEU B 402 -4.34 14.84 -14.60
C LEU B 402 -2.91 15.33 -14.76
N GLU B 403 -2.65 16.61 -14.50
CA GLU B 403 -1.30 17.14 -14.64
C GLU B 403 -0.41 16.66 -13.50
N ASN B 404 -0.97 16.43 -12.31
CA ASN B 404 -0.20 15.85 -11.23
C ASN B 404 0.11 14.38 -11.49
N LEU B 405 -0.84 13.64 -12.06
CA LEU B 405 -0.56 12.27 -12.47
C LEU B 405 0.54 12.24 -13.54
N ASP B 406 0.48 13.17 -14.49
CA ASP B 406 1.46 13.20 -15.57
C ASP B 406 2.85 13.51 -15.04
N LYS B 407 2.96 14.51 -14.16
CA LYS B 407 4.26 14.85 -13.58
C LYS B 407 4.87 13.66 -12.85
N SER B 408 4.06 12.92 -12.11
CA SER B 408 4.57 11.83 -11.28
C SER B 408 5.10 10.66 -12.09
N ARG B 409 4.82 10.60 -13.39
CA ARG B 409 5.20 9.46 -14.20
C ARG B 409 6.60 9.61 -14.78
N LYS B 410 7.36 8.52 -14.75
CA LYS B 410 8.69 8.46 -15.32
C LYS B 410 8.65 8.85 -16.80
ZN ZN C . 7.86 -3.05 -9.95
MN MN D . 18.56 -3.31 2.00
MN MN E . 21.85 -2.25 0.99
PG DTP F . 15.81 -1.14 2.54
O1G DTP F . 15.56 0.32 2.37
O2G DTP F . 16.86 -1.66 1.60
O3G DTP F . 14.53 -1.99 2.33
PB DTP F . 17.69 -1.72 4.67
O1B DTP F . 17.60 -1.68 6.14
O2B DTP F . 18.12 -3.07 4.12
O3B DTP F . 16.25 -1.42 4.05
PA DTP F . 19.90 -0.42 3.24
O1A DTP F . 19.86 0.87 2.53
O2A DTP F . 19.82 -1.65 2.31
O3A DTP F . 18.63 -0.53 4.19
O5' DTP F . 21.13 -0.59 4.23
C5' DTP F . 21.40 -1.90 4.75
C4' DTP F . 22.42 -1.88 5.84
O4' DTP F . 23.56 -1.07 5.49
C3' DTP F . 22.01 -1.31 7.19
O3' DTP F . 21.09 -2.13 7.91
C2' DTP F . 23.36 -1.22 7.85
C1' DTP F . 24.18 -0.63 6.71
N9 DTP F . 24.16 0.83 6.77
C8 DTP F . 23.46 1.76 6.06
N7 DTP F . 23.67 3.00 6.46
C5 DTP F . 24.54 2.85 7.53
C6 DTP F . 25.16 3.79 8.38
N6 DTP F . 24.97 5.11 8.30
N1 DTP F . 25.98 3.31 9.35
C2 DTP F . 26.17 2.00 9.44
N3 DTP F . 25.64 1.02 8.69
C4 DTP F . 24.83 1.53 7.75
H5'1 DTP F . 21.76 -2.54 3.93
H5'2 DTP F . 20.48 -2.34 5.13
H4' DTP F . 22.79 -2.91 5.93
H3' DTP F . 21.52 -0.35 7.06
HO3' DTP F . 20.41 -1.51 8.28
H2'1 DTP F . 23.75 -2.19 8.18
H2'2 DTP F . 23.38 -0.60 8.74
H1' DTP F . 25.20 -0.99 6.64
H8 DTP F . 22.78 1.52 5.25
HN61 DTP F . 25.43 5.76 8.93
HN62 DTP F . 24.37 5.53 7.61
H2 DTP F . 26.84 1.70 10.24
C1 EDO G . -1.93 4.18 7.95
O1 EDO G . -1.11 4.93 8.87
C2 EDO G . -1.43 2.73 7.90
O2 EDO G . -0.03 2.74 7.60
H11 EDO G . -1.88 4.62 6.97
H12 EDO G . -2.97 4.19 8.29
HO1 EDO G . -1.45 5.83 8.93
H21 EDO G . -1.97 2.19 7.13
H22 EDO G . -1.61 2.24 8.86
HO2 EDO G . 0.26 1.83 7.40
C1 EDO H . 6.19 1.12 -3.10
O1 EDO H . 7.56 1.29 -3.49
C2 EDO H . 5.32 2.08 -3.90
O2 EDO H . 5.77 3.42 -3.67
H11 EDO H . 5.88 0.10 -3.30
H12 EDO H . 6.09 1.32 -2.04
HO1 EDO H . 8.11 0.69 -2.97
H21 EDO H . 4.28 1.99 -3.59
H22 EDO H . 5.37 1.84 -4.97
HO2 EDO H . 5.21 4.04 -4.17
C1 EDO I . 15.22 -22.13 8.86
O1 EDO I . 16.61 -22.39 9.08
C2 EDO I . 14.59 -21.65 10.17
O2 EDO I . 14.84 -22.62 11.20
H11 EDO I . 14.71 -23.03 8.52
H12 EDO I . 15.10 -21.35 8.10
HO1 EDO I . 17.01 -22.68 8.26
H21 EDO I . 13.52 -21.54 10.04
H22 EDO I . 15.00 -20.69 10.46
HO2 EDO I . 14.45 -22.31 12.03
C1 EDO J . 33.94 -18.30 -8.30
O1 EDO J . 34.01 -16.88 -8.42
C2 EDO J . 33.94 -18.71 -6.83
O2 EDO J . 35.04 -18.07 -6.16
H11 EDO J . 33.05 -18.67 -8.79
H12 EDO J . 34.81 -18.75 -8.81
HO1 EDO J . 34.04 -16.63 -9.35
H21 EDO J . 33.00 -18.40 -6.37
H22 EDO J . 34.02 -19.80 -6.75
HO2 EDO J . 35.03 -18.32 -5.23
C1 EDO K . 19.39 -26.10 -16.69
O1 EDO K . 18.05 -26.56 -16.87
C2 EDO K . 20.34 -26.89 -17.57
O2 EDO K . 20.31 -28.27 -17.18
H11 EDO K . 19.45 -25.03 -16.94
H12 EDO K . 19.68 -26.21 -15.64
HO1 EDO K . 17.45 -26.06 -16.29
H21 EDO K . 20.04 -26.80 -18.62
H22 EDO K . 21.36 -26.50 -17.48
HO2 EDO K . 20.93 -28.77 -17.73
C1 EDO L . 5.98 -2.15 1.05
O1 EDO L . 5.84 -2.66 2.38
C2 EDO L . 5.78 -0.65 1.07
O2 EDO L . 6.70 -0.11 0.12
H11 EDO L . 6.97 -2.39 0.66
H12 EDO L . 5.24 -2.61 0.39
HO1 EDO L . 6.62 -2.45 2.90
H21 EDO L . 4.75 -0.39 0.80
H22 EDO L . 5.97 -0.24 2.06
HO2 EDO L . 6.22 0.17 -0.67
C1 EDO M . 1.59 2.92 26.48
O1 EDO M . 0.49 2.31 27.17
C2 EDO M . 1.11 4.20 25.80
O2 EDO M . 2.21 4.76 25.07
H11 EDO M . 2.38 3.16 27.19
H12 EDO M . 1.98 2.23 25.74
HO1 EDO M . -0.30 2.33 26.61
H21 EDO M . 0.28 3.98 25.11
H22 EDO M . 0.74 4.91 26.55
HO2 EDO M . 2.08 4.64 24.13
ZN ZN N . -30.61 18.05 5.42
MN MN O . -23.22 6.95 -3.51
MN MN P . -23.46 3.67 -2.08
PG DTP Q . -25.86 8.56 -5.35
O1G DTP Q . -27.27 8.26 -5.71
O2G DTP Q . -25.42 7.85 -4.07
O3G DTP Q . -25.60 10.05 -5.17
PB DTP Q . -24.00 6.76 -6.58
O1B DTP Q . -23.44 6.59 -7.93
O2B DTP Q . -22.92 6.88 -5.52
O3B DTP Q . -24.90 8.07 -6.52
PA DTP Q . -24.84 4.35 -5.16
O1A DTP Q . -26.18 3.81 -4.87
O2A DTP Q . -24.22 4.96 -3.89
O3A DTP Q . -24.94 5.52 -6.24
O5' DTP Q . -23.85 3.25 -5.78
C5' DTP Q . -22.41 3.32 -5.71
C4' DTP Q . -21.85 2.63 -6.93
O4' DTP Q . -22.23 1.24 -6.93
C3' DTP Q . -22.36 3.16 -8.26
O3' DTP Q . -21.64 4.31 -8.68
C2' DTP Q . -22.08 1.99 -9.18
C1' DTP Q . -22.18 0.76 -8.28
N9 DTP Q . -23.36 -0.03 -8.54
C8 DTP Q . -24.67 0.38 -8.43
N7 DTP Q . -25.55 -0.51 -8.76
C5 DTP Q . -24.78 -1.61 -9.15
C6 DTP Q . -25.13 -2.89 -9.62
N6 DTP Q . -26.38 -3.31 -9.78
N1 DTP Q . -24.12 -3.74 -9.91
C2 DTP Q . -22.85 -3.32 -9.74
N3 DTP Q . -22.42 -2.13 -9.31
C4 DTP Q . -23.43 -1.31 -9.02
H5'1 DTP Q . -22.06 2.83 -4.81
H5'2 DTP Q . -22.08 4.36 -5.69
H4' DTP Q . -20.76 2.63 -6.86
H3' DTP Q . -23.43 3.39 -8.17
HO3' DTP Q . -21.97 4.52 -9.59
H2'1 DTP Q . -21.10 2.06 -9.66
H2'2 DTP Q . -22.78 1.93 -10.01
H1' DTP Q . -21.31 0.13 -8.32
H8 DTP Q . -24.95 1.39 -8.10
HN61 DTP Q . -26.60 -4.24 -10.11
HN62 DTP Q . -27.18 -2.72 -9.57
H2 DTP Q . -22.10 -4.07 -10.00
C1 EDO R . -28.09 25.90 -1.31
O1 EDO R . -26.83 26.24 -0.73
C2 EDO R . -28.55 27.03 -2.23
O2 EDO R . -27.43 27.59 -2.95
H11 EDO R . -28.01 24.97 -1.87
H12 EDO R . -28.83 25.76 -0.51
HO1 EDO R . -26.54 25.52 -0.14
H21 EDO R . -29.03 27.81 -1.64
H22 EDO R . -29.28 26.64 -2.93
HO2 EDO R . -27.75 28.28 -3.54
C1 EDO S . -32.26 23.95 -15.99
O1 EDO S . -32.92 22.82 -16.57
C2 EDO S . -31.98 23.67 -14.51
O2 EDO S . -31.61 22.31 -14.34
H11 EDO S . -31.31 24.14 -16.51
H12 EDO S . -32.88 24.83 -16.08
HO1 EDO S . -33.11 23.00 -17.50
H21 EDO S . -31.18 24.32 -14.15
H22 EDO S . -32.88 23.88 -13.93
HO2 EDO S . -31.44 22.12 -13.41
C1 EDO T . -15.69 1.36 17.25
O1 EDO T . -15.81 2.76 17.50
C2 EDO T . -17.08 0.71 17.27
O2 EDO T . -17.48 0.45 18.62
H11 EDO T . -15.23 1.19 16.28
H12 EDO T . -15.07 0.89 18.01
HO1 EDO T . -14.94 3.16 17.47
H21 EDO T . -17.80 1.37 16.80
H22 EDO T . -17.06 -0.23 16.71
HO2 EDO T . -18.36 0.04 18.62
C1 EDO U . -21.15 24.41 -6.23
O1 EDO U . -19.72 24.34 -6.26
C2 EDO U . -21.72 24.72 -7.61
O2 EDO U . -21.79 26.14 -7.84
H11 EDO U . -21.46 25.18 -5.53
H12 EDO U . -21.55 23.46 -5.88
HO1 EDO U . -19.39 24.15 -5.37
H21 EDO U . -22.72 24.29 -7.69
H22 EDO U . -21.10 24.26 -8.37
HO2 EDO U . -22.09 26.31 -8.74
#